data_6FMI
#
_entry.id   6FMI
#
_cell.length_a   63.972
_cell.length_b   69.863
_cell.length_c   356.939
_cell.angle_alpha   90.00
_cell.angle_beta   90.00
_cell.angle_gamma   90.00
#
_symmetry.space_group_name_H-M   'C 2 2 21'
#
loop_
_entity.id
_entity.type
_entity.pdbx_description
1 polymer Elongin-B
2 polymer Elongin-C
3 polymer 'von Hippel-Lindau disease tumor suppressor'
4 non-polymer ~{N}-[(2~{S})-1-[(2~{S},4~{R})-2-[[4-(4-methyl-1,3-thiazol-5-yl)phenyl]methylcarbamothioyl]-4-oxidanyl-pyrrolidin-1-yl]-1-oxidanylidene-propan-2-yl]ethanamide
5 water water
#
loop_
_entity_poly.entity_id
_entity_poly.type
_entity_poly.pdbx_seq_one_letter_code
_entity_poly.pdbx_strand_id
1 'polypeptide(L)'
;MDVFLMIRRHKTTIFTDAKESSTVFELKRIVEGILKRPPDEQRLYKDDQLLDDGKTLGE(CAS)GFTSQTARPQAPATVG
LAFRADDTFEAL(CAS)IEPFSSPPELPDVMK
;
A,D
2 'polypeptide(L)'
;MMYVKLISSDGHEFIVKREHALTSGTIKAMLSGPGQFAENETNEVNFREIPSHVLSKVCMYFTYKVRYTNSSTEIPEFPI
APEIALELLMAANFLDC
;
B,E
3 'polypeptide(L)'
;GSMEAGRPRPVLRSVNSREPSQVIF(CAS)NRSPRVVLPVWLNFDGEPQPYPTLPPGTGRRIHSYRGHLWLFRDAGTHDG
LLVNQTELFVPSLNVDGQPIFANITLPVYTLKERCLQVVRSLVKPENYRRLDIVRSLYEDLEDHPNVQKDLERLTQE
;
C,F
#
loop_
_chem_comp.id
_chem_comp.type
_chem_comp.name
_chem_comp.formula
DV2 non-polymer ~{N}-[(2~{S})-1-[(2~{S},4~{R})-2-[[4-(4-methyl-1,3-thiazol-5-yl)phenyl]methylcarbamothioyl]-4-oxidanyl-pyrrolidin-1-yl]-1-oxidanylidene-propan-2-yl]ethanamide 'C21 H26 N4 O3 S2'
#
# COMPACT_ATOMS: atom_id res chain seq x y z
N MET A 1 37.43 2.34 1.54
CA MET A 1 37.45 2.93 0.16
C MET A 1 37.39 1.79 -0.85
N ASP A 2 36.17 1.44 -1.28
CA ASP A 2 35.99 0.30 -2.17
C ASP A 2 36.30 0.65 -3.62
N VAL A 3 36.77 -0.35 -4.36
CA VAL A 3 37.05 -0.21 -5.79
C VAL A 3 36.37 -1.37 -6.51
N PHE A 4 36.00 -1.14 -7.77
CA PHE A 4 35.21 -2.11 -8.53
C PHE A 4 35.90 -2.41 -9.86
N LEU A 5 36.12 -3.71 -10.11
CA LEU A 5 37.02 -4.17 -11.16
C LEU A 5 36.38 -5.15 -12.16
N MET A 6 36.96 -5.17 -13.36
CA MET A 6 36.74 -6.23 -14.34
C MET A 6 38.09 -6.93 -14.53
N ILE A 7 38.24 -8.15 -14.00
CA ILE A 7 39.45 -8.95 -14.25
C ILE A 7 39.19 -9.72 -15.55
N ARG A 8 40.08 -9.58 -16.54
CA ARG A 8 39.82 -10.05 -17.91
C ARG A 8 40.95 -10.91 -18.53
N ARG A 9 40.57 -12.08 -19.05
CA ARG A 9 41.45 -12.95 -19.84
C ARG A 9 40.65 -13.59 -20.97
N HIS A 10 41.17 -13.51 -22.19
CA HIS A 10 40.53 -14.10 -23.37
C HIS A 10 39.07 -13.63 -23.49
N LYS A 11 38.09 -14.52 -23.35
CA LYS A 11 36.67 -14.14 -23.38
C LYS A 11 35.99 -14.31 -22.01
N THR A 12 36.79 -14.32 -20.94
CA THR A 12 36.31 -14.34 -19.56
C THR A 12 36.43 -12.94 -18.95
N THR A 13 35.41 -12.54 -18.20
CA THR A 13 35.39 -11.26 -17.47
C THR A 13 34.80 -11.50 -16.07
N ILE A 14 35.58 -11.23 -15.03
CA ILE A 14 35.14 -11.39 -13.64
C ILE A 14 34.83 -10.01 -13.04
N PHE A 15 33.58 -9.80 -12.64
CA PHE A 15 33.18 -8.61 -11.86
C PHE A 15 33.38 -8.90 -10.38
N THR A 16 34.19 -8.07 -9.73
CA THR A 16 34.47 -8.19 -8.30
C THR A 16 34.86 -6.83 -7.68
N ASP A 17 34.99 -6.81 -6.36
CA ASP A 17 35.40 -5.61 -5.64
C ASP A 17 36.52 -5.87 -4.62
N ALA A 18 37.10 -4.79 -4.13
CA ALA A 18 38.18 -4.84 -3.16
C ALA A 18 38.33 -3.45 -2.57
N LYS A 19 39.30 -3.27 -1.69
CA LYS A 19 39.63 -1.96 -1.12
C LYS A 19 40.86 -1.40 -1.82
N GLU A 20 41.07 -0.08 -1.70
CA GLU A 20 42.33 0.56 -2.11
C GLU A 20 43.55 0.00 -1.39
N SER A 21 43.37 -0.42 -0.13
CA SER A 21 44.44 -1.02 0.67
C SER A 21 44.64 -2.53 0.45
N SER A 22 43.81 -3.17 -0.37
CA SER A 22 44.01 -4.58 -0.75
C SER A 22 45.28 -4.74 -1.55
N THR A 23 45.89 -5.92 -1.47
CA THR A 23 47.06 -6.27 -2.26
C THR A 23 46.66 -6.96 -3.54
N VAL A 24 47.58 -6.98 -4.49
CA VAL A 24 47.41 -7.73 -5.76
C VAL A 24 47.27 -9.24 -5.48
N PHE A 25 47.99 -9.74 -4.49
CA PHE A 25 47.90 -11.16 -4.09
C PHE A 25 46.48 -11.58 -3.68
N GLU A 26 45.74 -10.68 -3.05
CA GLU A 26 44.33 -10.92 -2.70
C GLU A 26 43.40 -11.01 -3.94
N LEU A 27 43.72 -10.25 -5.00
CA LEU A 27 43.05 -10.40 -6.30
C LEU A 27 43.30 -11.76 -6.96
N LYS A 28 44.49 -12.31 -6.75
CA LYS A 28 44.82 -13.63 -7.27
C LYS A 28 44.10 -14.75 -6.53
N ARG A 29 43.85 -14.56 -5.23
CA ARG A 29 43.12 -15.54 -4.43
C ARG A 29 41.64 -15.59 -4.83
N ILE A 30 41.08 -14.45 -5.21
CA ILE A 30 39.72 -14.36 -5.76
C ILE A 30 39.64 -15.11 -7.09
N VAL A 31 40.64 -14.90 -7.94
CA VAL A 31 40.75 -15.62 -9.22
C VAL A 31 40.91 -17.12 -8.99
N GLU A 32 41.67 -17.50 -7.97
CA GLU A 32 41.88 -18.91 -7.62
C GLU A 32 40.56 -19.62 -7.27
N GLY A 33 39.75 -18.96 -6.45
CA GLY A 33 38.45 -19.50 -6.07
C GLY A 33 37.52 -19.78 -7.24
N ILE A 34 37.50 -18.86 -8.20
CA ILE A 34 36.62 -18.96 -9.37
C ILE A 34 37.22 -19.91 -10.41
N LEU A 35 38.38 -19.56 -10.95
CA LEU A 35 38.97 -20.24 -12.10
C LEU A 35 39.92 -21.41 -11.77
N LYS A 36 40.20 -21.64 -10.49
CA LYS A 36 40.96 -22.81 -10.01
C LYS A 36 42.39 -22.89 -10.56
N ARG A 37 43.11 -21.77 -10.43
CA ARG A 37 44.54 -21.69 -10.73
C ARG A 37 45.25 -20.94 -9.58
N PRO A 38 46.37 -21.49 -9.06
CA PRO A 38 47.04 -20.86 -7.92
C PRO A 38 47.74 -19.54 -8.27
N PRO A 39 47.97 -18.66 -7.25
CA PRO A 39 48.57 -17.33 -7.49
C PRO A 39 49.84 -17.32 -8.34
N ASP A 40 50.72 -18.30 -8.14
CA ASP A 40 52.00 -18.40 -8.88
C ASP A 40 51.87 -18.78 -10.36
N GLU A 41 50.69 -19.24 -10.79
CA GLU A 41 50.37 -19.48 -12.20
C GLU A 41 49.52 -18.35 -12.82
N GLN A 42 49.39 -17.24 -12.10
CA GLN A 42 48.68 -16.06 -12.58
C GLN A 42 49.63 -14.89 -12.71
N ARG A 43 49.21 -13.91 -13.49
CA ARG A 43 49.97 -12.69 -13.72
C ARG A 43 48.98 -11.59 -14.05
N LEU A 44 48.95 -10.55 -13.22
CA LEU A 44 47.97 -9.47 -13.34
C LEU A 44 48.62 -8.18 -13.82
N TYR A 45 47.88 -7.42 -14.63
CA TYR A 45 48.40 -6.23 -15.31
C TYR A 45 47.45 -5.03 -15.22
N LYS A 46 48.03 -3.83 -15.23
CA LYS A 46 47.31 -2.60 -15.53
C LYS A 46 47.81 -2.12 -16.90
N ASP A 47 47.03 -2.39 -17.94
CA ASP A 47 47.45 -2.24 -19.34
C ASP A 47 48.69 -3.11 -19.62
N ASP A 48 49.78 -2.53 -20.14
CA ASP A 48 51.04 -3.28 -20.34
C ASP A 48 51.73 -3.58 -19.02
N GLN A 49 51.52 -2.73 -18.03
CA GLN A 49 52.31 -2.72 -16.80
C GLN A 49 51.94 -3.88 -15.86
N LEU A 50 52.88 -4.77 -15.61
CA LEU A 50 52.73 -5.86 -14.63
C LEU A 50 52.56 -5.34 -13.19
N LEU A 51 51.73 -6.02 -12.40
CA LEU A 51 51.48 -5.66 -11.00
C LEU A 51 52.06 -6.72 -10.07
N ASP A 52 53.01 -6.32 -9.21
CA ASP A 52 53.64 -7.26 -8.27
C ASP A 52 52.72 -7.56 -7.08
N ASP A 53 52.89 -8.75 -6.51
CA ASP A 53 52.01 -9.27 -5.47
C ASP A 53 51.89 -8.41 -4.21
N GLY A 54 52.99 -7.75 -3.84
CA GLY A 54 53.03 -6.91 -2.64
C GLY A 54 52.41 -5.53 -2.80
N LYS A 55 52.15 -5.11 -4.03
CA LYS A 55 51.61 -3.78 -4.31
C LYS A 55 50.14 -3.67 -3.93
N THR A 56 49.77 -2.60 -3.23
CA THR A 56 48.35 -2.30 -2.98
C THR A 56 47.68 -1.74 -4.24
N LEU A 57 46.36 -1.87 -4.31
CA LEU A 57 45.60 -1.39 -5.47
C LEU A 57 45.59 0.13 -5.60
N GLY A 58 45.66 0.84 -4.47
CA GLY A 58 45.74 2.29 -4.46
C GLY A 58 47.01 2.83 -5.08
N GLU A 59 48.16 2.25 -4.71
CA GLU A 59 49.47 2.54 -5.33
C GLU A 59 49.43 2.46 -6.85
N CAS A 60 48.77 1.42 -7.37
CA CAS A 60 48.73 1.15 -8.81
CB CAS A 60 48.67 -0.37 -9.02
C CAS A 60 47.62 1.89 -9.54
O CAS A 60 47.34 1.59 -10.71
SG CAS A 60 50.17 -1.17 -8.49
AS CAS A 60 51.78 -0.35 -9.83
CE1 CAS A 60 53.42 -1.49 -9.73
CE2 CAS A 60 51.15 -0.31 -11.71
N GLY A 61 46.99 2.86 -8.88
CA GLY A 61 46.07 3.79 -9.53
C GLY A 61 44.61 3.37 -9.59
N PHE A 62 44.25 2.30 -8.87
CA PHE A 62 42.85 1.92 -8.72
C PHE A 62 42.28 2.64 -7.49
N THR A 63 41.51 3.70 -7.73
CA THR A 63 40.90 4.50 -6.65
C THR A 63 39.39 4.38 -6.69
N SER A 64 38.77 4.69 -5.54
CA SER A 64 37.31 4.59 -5.43
C SER A 64 36.55 5.52 -6.38
N GLN A 65 37.14 6.68 -6.72
CA GLN A 65 36.54 7.62 -7.68
C GLN A 65 36.84 7.33 -9.16
N THR A 66 37.86 6.52 -9.45
CA THR A 66 38.15 6.09 -10.83
C THR A 66 37.53 4.71 -11.14
N ALA A 67 37.70 3.77 -10.21
CA ALA A 67 37.20 2.39 -10.37
C ALA A 67 35.82 2.23 -9.72
N ARG A 68 34.79 2.69 -10.44
CA ARG A 68 33.44 2.86 -9.87
C ARG A 68 32.52 1.68 -10.21
N PRO A 69 31.43 1.49 -9.45
CA PRO A 69 30.49 0.40 -9.76
C PRO A 69 29.99 0.41 -11.21
N GLN A 70 29.53 1.59 -11.65
CA GLN A 70 28.96 1.78 -12.98
C GLN A 70 29.98 1.93 -14.10
N ALA A 71 31.25 2.13 -13.75
CA ALA A 71 32.36 2.21 -14.71
C ALA A 71 33.62 1.58 -14.10
N PRO A 72 33.63 0.23 -13.99
CA PRO A 72 34.72 -0.45 -13.32
C PRO A 72 36.00 -0.45 -14.15
N ALA A 73 37.14 -0.44 -13.48
CA ALA A 73 38.46 -0.48 -14.11
C ALA A 73 38.86 -1.91 -14.49
N THR A 74 39.68 -2.02 -15.53
CA THR A 74 40.16 -3.33 -16.02
C THR A 74 41.52 -3.74 -15.44
N VAL A 75 41.58 -5.00 -14.99
CA VAL A 75 42.83 -5.69 -14.65
C VAL A 75 43.02 -6.85 -15.65
N GLY A 76 44.15 -6.87 -16.36
CA GLY A 76 44.47 -7.96 -17.27
C GLY A 76 44.91 -9.21 -16.53
N LEU A 77 44.65 -10.38 -17.11
CA LEU A 77 45.01 -11.66 -16.49
C LEU A 77 45.59 -12.63 -17.52
N ALA A 78 46.74 -13.23 -17.18
CA ALA A 78 47.43 -14.19 -18.04
C ALA A 78 47.85 -15.40 -17.20
N PHE A 79 47.54 -16.60 -17.69
CA PHE A 79 47.93 -17.85 -17.03
C PHE A 79 49.25 -18.41 -17.55
N ARG A 80 49.89 -19.23 -16.71
CA ARG A 80 51.13 -19.93 -17.08
C ARG A 80 50.78 -21.25 -17.76
N ALA A 81 51.29 -21.43 -18.99
CA ALA A 81 51.03 -22.64 -19.77
C ALA A 81 52.02 -23.75 -19.39
N ASP A 82 51.83 -24.29 -18.18
CA ASP A 82 52.75 -25.25 -17.55
C ASP A 82 54.18 -24.72 -17.34
N ASP A 83 54.93 -24.54 -18.43
CA ASP A 83 56.31 -24.08 -18.38
C ASP A 83 56.39 -22.56 -18.24
N THR A 84 55.84 -21.85 -19.23
CA THR A 84 56.01 -20.40 -19.36
C THR A 84 54.67 -19.66 -19.50
N PHE A 85 54.73 -18.35 -19.29
CA PHE A 85 53.54 -17.50 -19.35
C PHE A 85 53.17 -17.14 -20.79
N GLU A 86 51.89 -17.24 -21.10
CA GLU A 86 51.32 -16.75 -22.36
C GLU A 86 51.39 -15.21 -22.41
N ALA A 87 51.29 -14.68 -23.63
CA ALA A 87 51.13 -13.22 -23.81
C ALA A 87 49.73 -12.80 -23.36
N LEU A 88 49.61 -11.59 -22.81
CA LEU A 88 48.31 -11.06 -22.37
C LEU A 88 47.39 -10.84 -23.57
N CAS A 89 46.26 -11.54 -23.57
CA CAS A 89 45.26 -11.44 -24.65
CB CAS A 89 45.29 -12.73 -25.48
C CAS A 89 43.91 -11.24 -24.02
O CAS A 89 43.48 -12.03 -23.19
SG CAS A 89 43.91 -12.93 -26.56
AS CAS A 89 44.19 -11.21 -27.95
CE1 CAS A 89 45.25 -11.79 -29.55
CE2 CAS A 89 42.42 -10.52 -28.55
N ILE A 90 43.23 -10.16 -24.41
CA ILE A 90 41.86 -9.86 -23.95
C ILE A 90 40.99 -9.58 -25.18
N GLU A 91 40.07 -10.48 -25.51
CA GLU A 91 39.20 -10.30 -26.67
C GLU A 91 38.35 -9.04 -26.50
N PRO A 92 38.26 -8.18 -27.55
CA PRO A 92 37.36 -7.03 -27.47
C PRO A 92 35.89 -7.44 -27.46
N PHE A 93 35.05 -6.62 -26.83
CA PHE A 93 33.60 -6.82 -26.91
C PHE A 93 33.10 -6.52 -28.33
N SER A 94 31.84 -6.88 -28.60
CA SER A 94 31.22 -6.62 -29.89
C SER A 94 31.10 -5.12 -30.15
N SER A 95 30.83 -4.76 -31.41
CA SER A 95 30.71 -3.37 -31.83
C SER A 95 29.24 -2.98 -31.91
N PRO A 96 28.88 -1.82 -31.33
CA PRO A 96 27.50 -1.37 -31.53
C PRO A 96 27.25 -0.92 -32.97
N PRO A 97 25.98 -0.98 -33.44
CA PRO A 97 25.68 -0.56 -34.81
C PRO A 97 25.77 0.95 -35.01
N GLU A 98 25.62 1.40 -36.25
CA GLU A 98 25.59 2.82 -36.57
C GLU A 98 24.31 3.45 -36.01
N LEU A 99 24.44 4.65 -35.44
CA LEU A 99 23.27 5.42 -35.01
C LEU A 99 22.36 5.71 -36.22
N PRO A 100 21.04 5.54 -36.05
CA PRO A 100 20.11 5.95 -37.12
C PRO A 100 20.12 7.47 -37.38
N ASP A 101 19.41 7.90 -38.43
CA ASP A 101 19.27 9.32 -38.74
C ASP A 101 18.60 10.07 -37.58
N VAL A 102 17.57 9.47 -36.99
CA VAL A 102 16.82 10.11 -35.88
C VAL A 102 17.59 10.27 -34.56
N MET A 103 18.82 9.74 -34.48
CA MET A 103 19.75 10.03 -33.38
C MET A 103 21.03 10.70 -33.90
N MET B 2 29.81 -17.01 -3.81
CA MET B 2 28.93 -17.72 -4.78
C MET B 2 28.73 -16.84 -6.02
N TYR B 3 29.01 -17.40 -7.19
CA TYR B 3 29.01 -16.66 -8.45
C TYR B 3 28.15 -17.37 -9.49
N VAL B 4 27.78 -16.64 -10.55
CA VAL B 4 27.06 -17.21 -11.70
C VAL B 4 27.67 -16.72 -13.00
N LYS B 5 27.57 -17.55 -14.05
CA LYS B 5 28.13 -17.24 -15.36
C LYS B 5 27.01 -16.75 -16.28
N LEU B 6 27.13 -15.51 -16.76
CA LEU B 6 26.21 -14.95 -17.75
C LEU B 6 26.93 -14.93 -19.09
N ILE B 7 26.30 -15.52 -20.13
CA ILE B 7 26.95 -15.74 -21.43
C ILE B 7 26.24 -15.00 -22.57
N SER B 8 26.97 -14.12 -23.26
CA SER B 8 26.43 -13.32 -24.37
C SER B 8 26.23 -14.15 -25.62
N SER B 9 25.57 -13.56 -26.61
CA SER B 9 25.34 -14.23 -27.89
C SER B 9 26.63 -14.52 -28.66
N ASP B 10 27.63 -13.64 -28.49
CA ASP B 10 28.92 -13.77 -29.19
C ASP B 10 29.99 -14.58 -28.42
N GLY B 11 29.62 -15.15 -27.27
CA GLY B 11 30.46 -16.12 -26.56
C GLY B 11 31.22 -15.65 -25.32
N HIS B 12 31.12 -14.36 -24.97
CA HIS B 12 31.78 -13.83 -23.77
C HIS B 12 31.15 -14.38 -22.49
N GLU B 13 31.99 -14.77 -21.53
CA GLU B 13 31.54 -15.33 -20.25
C GLU B 13 31.76 -14.35 -19.10
N PHE B 14 30.69 -13.70 -18.66
CA PHE B 14 30.74 -12.74 -17.55
C PHE B 14 30.42 -13.43 -16.23
N ILE B 15 31.34 -13.37 -15.27
CA ILE B 15 31.14 -14.00 -13.96
C ILE B 15 30.80 -12.92 -12.92
N VAL B 16 29.62 -13.04 -12.32
CA VAL B 16 29.09 -12.07 -11.33
C VAL B 16 28.53 -12.80 -10.11
N LYS B 17 28.44 -12.09 -8.99
CA LYS B 17 27.92 -12.67 -7.75
C LYS B 17 26.46 -13.04 -7.89
N ARG B 18 26.07 -14.11 -7.22
CA ARG B 18 24.72 -14.64 -7.30
C ARG B 18 23.70 -13.57 -6.89
N GLU B 19 23.87 -13.00 -5.70
CA GLU B 19 22.94 -11.97 -5.19
C GLU B 19 22.78 -10.75 -6.11
N HIS B 20 23.84 -10.37 -6.81
CA HIS B 20 23.78 -9.27 -7.78
C HIS B 20 22.93 -9.62 -9.02
N ALA B 21 23.02 -10.87 -9.48
CA ALA B 21 22.25 -11.33 -10.65
C ALA B 21 20.76 -11.48 -10.38
N LEU B 22 20.39 -11.76 -9.12
CA LEU B 22 18.98 -11.89 -8.71
C LEU B 22 18.19 -10.57 -8.69
N THR B 23 18.89 -9.46 -8.87
CA THR B 23 18.29 -8.17 -9.21
C THR B 23 17.29 -8.28 -10.36
N SER B 24 17.68 -9.00 -11.41
CA SER B 24 16.78 -9.32 -12.51
C SER B 24 15.86 -10.49 -12.13
N GLY B 25 14.54 -10.27 -12.20
CA GLY B 25 13.57 -11.32 -11.93
C GLY B 25 13.55 -12.41 -12.99
N THR B 26 13.83 -12.02 -14.23
CA THR B 26 13.92 -12.98 -15.34
C THR B 26 15.07 -13.96 -15.12
N ILE B 27 16.18 -13.47 -14.56
CA ILE B 27 17.32 -14.31 -14.25
C ILE B 27 17.02 -15.19 -13.03
N LYS B 28 16.39 -14.60 -12.02
CA LYS B 28 15.88 -15.36 -10.87
C LYS B 28 15.08 -16.59 -11.30
N ALA B 29 14.23 -16.41 -12.32
CA ALA B 29 13.43 -17.49 -12.90
C ALA B 29 14.26 -18.53 -13.65
N MET B 30 15.22 -18.07 -14.44
CA MET B 30 16.08 -18.97 -15.22
C MET B 30 16.97 -19.88 -14.34
N LEU B 31 17.42 -19.38 -13.20
CA LEU B 31 18.24 -20.16 -12.27
C LEU B 31 17.36 -21.02 -11.36
N SER B 32 16.50 -20.37 -10.58
CA SER B 32 15.61 -21.04 -9.61
C SER B 32 14.28 -21.44 -10.27
N ASN B 43 23.71 -22.51 -12.54
CA ASN B 43 24.88 -21.67 -12.37
C ASN B 43 25.30 -20.92 -13.63
N GLU B 44 25.02 -21.49 -14.80
CA GLU B 44 25.24 -20.85 -16.11
C GLU B 44 23.93 -20.43 -16.73
N VAL B 45 23.92 -19.27 -17.41
CA VAL B 45 22.78 -18.81 -18.21
C VAL B 45 23.28 -18.26 -19.55
N ASN B 46 22.58 -18.62 -20.62
CA ASN B 46 22.93 -18.21 -22.00
C ASN B 46 21.89 -17.25 -22.58
N PHE B 47 22.34 -16.10 -23.06
CA PHE B 47 21.48 -15.11 -23.71
C PHE B 47 21.78 -15.09 -25.20
N ARG B 48 20.90 -15.71 -25.99
CA ARG B 48 21.04 -15.80 -27.45
C ARG B 48 20.91 -14.45 -28.18
N GLU B 49 20.21 -13.50 -27.57
CA GLU B 49 19.86 -12.21 -28.20
C GLU B 49 20.64 -10.99 -27.69
N ILE B 50 21.51 -11.17 -26.70
CA ILE B 50 22.21 -10.03 -26.10
C ILE B 50 23.72 -10.12 -26.34
N PRO B 51 24.28 -9.24 -27.20
CA PRO B 51 25.72 -9.26 -27.44
C PRO B 51 26.50 -8.68 -26.25
N SER B 52 27.82 -8.90 -26.25
CA SER B 52 28.67 -8.64 -25.11
C SER B 52 28.75 -7.16 -24.72
N HIS B 53 28.72 -6.27 -25.71
CA HIS B 53 28.74 -4.82 -25.46
C HIS B 53 27.46 -4.30 -24.78
N VAL B 54 26.37 -5.05 -24.92
CA VAL B 54 25.14 -4.78 -24.16
C VAL B 54 25.17 -5.47 -22.78
N LEU B 55 25.50 -6.76 -22.76
CA LEU B 55 25.46 -7.56 -21.53
C LEU B 55 26.47 -7.12 -20.46
N SER B 56 27.62 -6.60 -20.88
CA SER B 56 28.60 -6.05 -19.94
C SER B 56 28.03 -4.85 -19.17
N LYS B 57 27.24 -4.05 -19.86
CA LYS B 57 26.56 -2.90 -19.23
C LYS B 57 25.50 -3.32 -18.20
N VAL B 58 24.75 -4.38 -18.52
CA VAL B 58 23.78 -4.96 -17.60
C VAL B 58 24.47 -5.35 -16.28
N CYS B 59 25.60 -6.05 -16.41
CA CYS B 59 26.41 -6.47 -15.26
C CYS B 59 26.92 -5.30 -14.42
N MET B 60 27.26 -4.20 -15.06
CA MET B 60 27.63 -2.96 -14.35
C MET B 60 26.42 -2.35 -13.60
N TYR B 61 25.23 -2.39 -14.23
CA TYR B 61 24.03 -1.89 -13.56
C TYR B 61 23.72 -2.66 -12.26
N PHE B 62 23.90 -3.97 -12.27
CA PHE B 62 23.69 -4.78 -11.06
C PHE B 62 24.58 -4.30 -9.92
N THR B 63 25.86 -4.10 -10.23
CA THR B 63 26.84 -3.61 -9.25
C THR B 63 26.45 -2.24 -8.71
N TYR B 64 26.01 -1.38 -9.63
CA TYR B 64 25.58 -0.01 -9.33
C TYR B 64 24.36 0.00 -8.40
N LYS B 65 23.33 -0.79 -8.73
CA LYS B 65 22.13 -0.91 -7.91
C LYS B 65 22.40 -1.43 -6.49
N VAL B 66 23.25 -2.44 -6.37
CA VAL B 66 23.52 -3.07 -5.06
C VAL B 66 24.33 -2.14 -4.15
N ARG B 67 25.17 -1.30 -4.73
CA ARG B 67 25.98 -0.35 -3.95
C ARG B 67 25.11 0.80 -3.43
N TYR B 68 24.34 1.41 -4.34
CA TYR B 68 23.68 2.70 -4.07
C TYR B 68 22.22 2.64 -3.63
N THR B 69 21.57 1.48 -3.70
CA THR B 69 20.21 1.33 -3.19
C THR B 69 20.18 1.47 -1.65
N ASN B 70 19.24 2.28 -1.15
CA ASN B 70 19.13 2.64 0.27
C ASN B 70 20.44 3.21 0.84
N SER B 71 21.06 4.10 0.07
CA SER B 71 22.35 4.72 0.43
C SER B 71 22.14 6.19 0.81
N SER B 72 22.82 6.62 1.87
CA SER B 72 22.74 8.02 2.33
C SER B 72 23.64 8.96 1.54
N THR B 73 24.60 8.40 0.80
CA THR B 73 25.59 9.19 0.06
C THR B 73 25.00 9.80 -1.21
N GLU B 74 25.80 10.66 -1.85
CA GLU B 74 25.51 11.14 -3.20
C GLU B 74 25.61 9.97 -4.17
N ILE B 75 24.71 9.97 -5.15
CA ILE B 75 24.58 8.92 -6.13
C ILE B 75 24.98 9.50 -7.50
N PRO B 76 25.92 8.85 -8.21
CA PRO B 76 26.28 9.34 -9.53
C PRO B 76 25.33 8.81 -10.61
N GLU B 77 25.37 9.46 -11.77
CA GLU B 77 24.59 9.06 -12.93
C GLU B 77 25.10 7.73 -13.44
N PHE B 78 24.19 6.86 -13.86
CA PHE B 78 24.55 5.68 -14.62
C PHE B 78 24.62 6.06 -16.10
N PRO B 79 25.83 6.06 -16.70
CA PRO B 79 25.99 6.56 -18.06
C PRO B 79 25.64 5.52 -19.11
N ILE B 80 25.09 5.98 -20.23
CA ILE B 80 24.79 5.13 -21.37
C ILE B 80 25.17 5.87 -22.64
N ALA B 81 26.16 5.33 -23.37
CA ALA B 81 26.51 5.87 -24.68
C ALA B 81 25.31 5.79 -25.63
N PRO B 82 25.07 6.84 -26.43
CA PRO B 82 23.99 6.83 -27.43
C PRO B 82 23.93 5.61 -28.36
N GLU B 83 25.08 5.01 -28.66
CA GLU B 83 25.19 3.91 -29.61
C GLU B 83 24.62 2.59 -29.08
N ILE B 84 24.54 2.45 -27.75
CA ILE B 84 24.00 1.22 -27.13
C ILE B 84 22.59 1.36 -26.53
N ALA B 85 22.02 2.57 -26.55
CA ALA B 85 20.77 2.86 -25.83
C ALA B 85 19.57 2.01 -26.26
N LEU B 86 19.32 1.93 -27.57
CA LEU B 86 18.23 1.12 -28.12
C LEU B 86 18.34 -0.35 -27.73
N GLU B 87 19.51 -0.93 -27.91
CA GLU B 87 19.75 -2.33 -27.55
C GLU B 87 19.68 -2.57 -26.04
N LEU B 88 20.16 -1.60 -25.26
CA LEU B 88 20.17 -1.74 -23.80
C LEU B 88 18.76 -1.63 -23.21
N LEU B 89 17.95 -0.73 -23.76
CA LEU B 89 16.54 -0.59 -23.41
C LEU B 89 15.78 -1.92 -23.56
N MET B 90 16.00 -2.59 -24.68
CA MET B 90 15.32 -3.86 -24.98
C MET B 90 15.76 -5.01 -24.06
N ALA B 91 17.03 -5.02 -23.68
CA ALA B 91 17.52 -5.96 -22.66
C ALA B 91 16.89 -5.68 -21.30
N ALA B 92 16.84 -4.40 -20.90
CA ALA B 92 16.20 -3.99 -19.64
C ALA B 92 14.75 -4.44 -19.55
N ASN B 93 14.00 -4.22 -20.63
CA ASN B 93 12.59 -4.59 -20.68
C ASN B 93 12.36 -6.10 -20.56
N PHE B 94 13.23 -6.89 -21.22
CA PHE B 94 13.20 -8.35 -21.13
C PHE B 94 13.55 -8.84 -19.73
N LEU B 95 14.61 -8.27 -19.16
CA LEU B 95 15.14 -8.71 -17.87
C LEU B 95 14.36 -8.17 -16.67
N ASP B 96 13.59 -7.11 -16.89
CA ASP B 96 12.82 -6.45 -15.83
C ASP B 96 13.74 -5.99 -14.70
N CYS B 97 14.69 -5.12 -15.08
CA CYS B 97 15.55 -4.42 -14.12
C CYS B 97 15.64 -2.95 -14.51
N VAL C 11 -5.94 17.76 -1.96
CA VAL C 11 -5.60 16.77 -0.89
C VAL C 11 -4.17 17.00 -0.42
N LEU C 12 -3.19 16.76 -1.28
CA LEU C 12 -1.79 17.11 -1.00
C LEU C 12 -1.61 18.63 -1.14
N ARG C 13 -1.29 19.30 -0.04
CA ARG C 13 -1.14 20.75 -0.02
C ARG C 13 -0.42 21.27 1.22
N SER C 14 0.07 22.51 1.14
CA SER C 14 0.76 23.15 2.26
C SER C 14 -0.24 23.63 3.29
N VAL C 15 0.13 23.53 4.56
CA VAL C 15 -0.62 24.12 5.66
C VAL C 15 -0.19 25.59 5.81
N ASN C 16 -1.16 26.50 5.91
CA ASN C 16 -0.90 27.92 6.09
C ASN C 16 -0.61 28.22 7.57
N SER C 17 0.62 27.93 7.99
CA SER C 17 1.01 28.05 9.39
C SER C 17 1.42 29.46 9.79
N ARG C 18 2.12 30.15 8.89
CA ARG C 18 2.77 31.44 9.17
C ARG C 18 3.80 31.35 10.31
N GLU C 19 4.47 30.21 10.40
CA GLU C 19 5.57 29.98 11.33
C GLU C 19 6.84 29.72 10.52
N PRO C 20 7.79 30.69 10.49
CA PRO C 20 8.93 30.62 9.55
C PRO C 20 9.88 29.45 9.76
N SER C 21 10.58 29.09 8.69
CA SER C 21 11.52 27.98 8.69
C SER C 21 12.60 28.24 7.64
N GLN C 22 13.85 28.35 8.08
CA GLN C 22 14.99 28.54 7.17
C GLN C 22 15.43 27.18 6.67
N VAL C 23 15.69 27.06 5.37
CA VAL C 23 16.10 25.80 4.75
C VAL C 23 17.28 26.00 3.82
N ILE C 24 18.10 24.97 3.67
CA ILE C 24 19.17 24.92 2.67
C ILE C 24 18.79 23.88 1.61
N PHE C 25 18.46 24.36 0.40
CA PHE C 25 18.29 23.49 -0.77
C PHE C 25 19.68 23.17 -1.32
N CAS C 26 20.14 21.93 -1.11
CA CAS C 26 21.48 21.50 -1.49
CB CAS C 26 22.13 20.92 -0.24
C CAS C 26 21.36 20.50 -2.63
O CAS C 26 20.95 19.36 -2.42
SG CAS C 26 23.78 20.34 -0.51
AS CAS C 26 24.95 22.16 -1.07
CE1 CAS C 26 25.80 21.89 -2.84
CE2 CAS C 26 26.38 22.45 0.29
N ASN C 27 21.73 20.93 -3.83
CA ASN C 27 21.68 20.08 -5.03
C ASN C 27 22.94 19.21 -5.13
N ARG C 28 22.84 17.98 -4.63
CA ARG C 28 23.91 16.99 -4.72
C ARG C 28 23.62 15.99 -5.86
N SER C 29 23.26 16.51 -7.02
CA SER C 29 22.98 15.68 -8.19
C SER C 29 23.67 16.29 -9.41
N PRO C 30 23.74 15.53 -10.52
CA PRO C 30 24.27 16.08 -11.76
C PRO C 30 23.27 16.95 -12.54
N ARG C 31 21.99 16.96 -12.12
CA ARG C 31 20.93 17.63 -12.86
C ARG C 31 20.73 19.07 -12.40
N VAL C 32 20.30 19.91 -13.33
CA VAL C 32 19.71 21.21 -13.00
C VAL C 32 18.38 20.87 -12.35
N VAL C 33 18.14 21.41 -11.15
CA VAL C 33 16.97 21.05 -10.34
C VAL C 33 15.92 22.16 -10.35
N LEU C 34 14.66 21.76 -10.48
CA LEU C 34 13.51 22.65 -10.33
C LEU C 34 12.79 22.35 -9.00
N PRO C 35 12.88 23.27 -8.01
CA PRO C 35 12.07 23.09 -6.81
C PRO C 35 10.61 23.41 -7.12
N VAL C 36 9.69 22.61 -6.58
CA VAL C 36 8.25 22.81 -6.77
C VAL C 36 7.59 22.85 -5.40
N TRP C 37 6.95 23.99 -5.09
CA TRP C 37 6.11 24.16 -3.89
C TRP C 37 4.65 23.83 -4.23
N LEU C 38 4.02 23.03 -3.37
CA LEU C 38 2.59 22.76 -3.49
C LEU C 38 1.86 23.82 -2.68
N ASN C 39 1.09 24.66 -3.37
CA ASN C 39 0.46 25.83 -2.75
C ASN C 39 -0.77 25.46 -1.91
N PHE C 40 -1.49 26.46 -1.41
CA PHE C 40 -2.64 26.22 -0.53
C PHE C 40 -3.87 25.58 -1.18
N ASP C 41 -3.90 25.51 -2.52
CA ASP C 41 -4.87 24.71 -3.26
C ASP C 41 -4.30 23.40 -3.82
N GLY C 42 -3.08 23.03 -3.44
CA GLY C 42 -2.42 21.84 -3.97
C GLY C 42 -1.87 21.95 -5.39
N GLU C 43 -1.95 23.12 -6.02
CA GLU C 43 -1.34 23.35 -7.33
C GLU C 43 0.19 23.47 -7.19
N PRO C 44 0.95 22.84 -8.10
CA PRO C 44 2.41 22.99 -8.06
C PRO C 44 2.86 24.33 -8.61
N GLN C 45 3.54 25.12 -7.77
CA GLN C 45 4.17 26.36 -8.22
C GLN C 45 5.66 26.10 -8.42
N PRO C 46 6.19 26.40 -9.62
CA PRO C 46 7.64 26.25 -9.84
C PRO C 46 8.44 27.45 -9.32
N TYR C 47 9.68 27.18 -8.88
CA TYR C 47 10.59 28.15 -8.29
C TYR C 47 11.91 28.21 -9.09
N PRO C 48 12.81 29.17 -8.75
CA PRO C 48 14.05 29.30 -9.53
C PRO C 48 14.96 28.06 -9.45
N THR C 49 15.62 27.73 -10.55
CA THR C 49 16.40 26.50 -10.64
C THR C 49 17.71 26.57 -9.86
N LEU C 50 18.32 25.40 -9.66
CA LEU C 50 19.63 25.28 -9.02
C LEU C 50 20.59 24.46 -9.90
N PRO C 51 21.70 25.07 -10.34
CA PRO C 51 22.70 24.30 -11.08
C PRO C 51 23.32 23.14 -10.28
N PRO C 52 23.84 22.11 -10.98
CA PRO C 52 24.40 20.95 -10.27
C PRO C 52 25.52 21.36 -9.31
N GLY C 53 25.53 20.77 -8.13
CA GLY C 53 26.56 21.03 -7.13
C GLY C 53 26.46 22.33 -6.35
N THR C 54 25.41 23.11 -6.57
CA THR C 54 25.21 24.39 -5.89
C THR C 54 24.17 24.27 -4.79
N GLY C 55 24.11 25.30 -3.94
CA GLY C 55 23.13 25.38 -2.84
C GLY C 55 22.72 26.80 -2.52
N ARG C 56 21.52 26.95 -1.96
CA ARG C 56 20.92 28.25 -1.62
C ARG C 56 20.29 28.13 -0.24
N ARG C 57 20.40 29.18 0.57
CA ARG C 57 19.60 29.31 1.79
C ARG C 57 18.31 30.06 1.45
N ILE C 58 17.17 29.52 1.89
CA ILE C 58 15.84 30.04 1.53
C ILE C 58 14.88 30.04 2.71
N HIS C 59 13.89 30.93 2.66
CA HIS C 59 12.86 31.05 3.71
C HIS C 59 11.55 30.39 3.30
N SER C 60 11.11 29.43 4.12
CA SER C 60 9.84 28.73 3.94
C SER C 60 9.10 28.76 5.29
N TYR C 61 8.06 27.94 5.44
CA TYR C 61 7.25 27.89 6.68
C TYR C 61 6.99 26.44 7.08
N ARG C 62 6.68 26.25 8.36
CA ARG C 62 6.42 24.90 8.90
C ARG C 62 5.20 24.28 8.23
N GLY C 63 5.29 23.00 7.86
CA GLY C 63 4.18 22.30 7.25
C GLY C 63 3.89 22.61 5.78
N HIS C 64 4.88 23.15 5.07
CA HIS C 64 4.77 23.40 3.63
C HIS C 64 5.27 22.20 2.85
N LEU C 65 4.60 21.83 1.77
CA LEU C 65 5.01 20.67 0.96
C LEU C 65 5.89 21.11 -0.20
N TRP C 66 7.05 20.46 -0.34
CA TRP C 66 7.99 20.70 -1.44
C TRP C 66 8.35 19.37 -2.12
N LEU C 67 8.66 19.44 -3.42
CA LEU C 67 9.24 18.31 -4.15
C LEU C 67 10.20 18.82 -5.24
N PHE C 68 10.98 17.92 -5.86
CA PHE C 68 12.12 18.32 -6.72
C PHE C 68 12.28 17.49 -8.01
N ARG C 69 12.45 18.19 -9.13
CA ARG C 69 12.50 17.59 -10.46
C ARG C 69 13.68 18.11 -11.27
N ASP C 70 14.09 17.35 -12.28
CA ASP C 70 15.01 17.82 -13.31
C ASP C 70 14.30 18.92 -14.13
N ALA C 71 14.91 20.09 -14.22
CA ALA C 71 14.28 21.25 -14.86
C ALA C 71 14.03 21.09 -16.36
N GLY C 72 14.79 20.23 -17.04
CA GLY C 72 14.68 20.06 -18.49
C GLY C 72 13.70 18.96 -18.89
N THR C 73 13.86 17.79 -18.28
CA THR C 73 13.08 16.60 -18.60
C THR C 73 11.96 16.27 -17.61
N HIS C 74 11.99 16.87 -16.42
CA HIS C 74 11.04 16.60 -15.31
C HIS C 74 11.14 15.22 -14.66
N ASP C 75 12.27 14.52 -14.83
CA ASP C 75 12.52 13.27 -14.09
C ASP C 75 12.42 13.54 -12.59
N GLY C 76 11.95 12.56 -11.84
CA GLY C 76 11.76 12.70 -10.40
C GLY C 76 13.08 12.54 -9.65
N LEU C 77 13.26 13.35 -8.60
CA LEU C 77 14.44 13.30 -7.74
C LEU C 77 14.04 13.12 -6.29
N LEU C 78 14.97 12.66 -5.45
CA LEU C 78 14.70 12.47 -4.03
C LEU C 78 15.18 13.66 -3.23
N VAL C 79 14.61 13.82 -2.04
CA VAL C 79 15.06 14.81 -1.04
C VAL C 79 15.05 14.11 0.31
N ASN C 80 16.22 14.00 0.94
CA ASN C 80 16.39 13.19 2.16
C ASN C 80 15.73 11.80 2.02
N GLN C 81 16.11 11.12 0.93
CA GLN C 81 15.72 9.73 0.64
C GLN C 81 14.24 9.48 0.28
N THR C 82 13.45 10.54 0.12
CA THR C 82 11.99 10.41 -0.15
C THR C 82 11.52 11.44 -1.18
N GLU C 83 10.25 11.33 -1.57
CA GLU C 83 9.62 12.23 -2.57
C GLU C 83 9.24 13.61 -2.04
N LEU C 84 8.66 13.66 -0.83
CA LEU C 84 8.18 14.93 -0.24
C LEU C 84 9.09 15.45 0.87
N PHE C 85 9.21 16.77 0.94
CA PHE C 85 9.98 17.44 2.00
C PHE C 85 9.14 18.52 2.68
N VAL C 86 9.15 18.52 4.01
CA VAL C 86 8.32 19.39 4.82
C VAL C 86 9.21 20.13 5.83
N PRO C 87 9.42 21.46 5.64
CA PRO C 87 10.20 22.22 6.64
C PRO C 87 9.63 22.11 8.04
N SER C 88 10.52 22.07 9.03
CA SER C 88 10.14 21.88 10.43
C SER C 88 10.80 22.95 11.33
N LEU C 89 10.65 22.79 12.64
CA LEU C 89 11.15 23.76 13.63
C LEU C 89 12.68 23.80 13.65
N ASN C 90 13.24 24.98 13.43
CA ASN C 90 14.70 25.19 13.54
C ASN C 90 15.13 25.18 15.01
N VAL C 91 16.32 24.66 15.28
CA VAL C 91 16.84 24.52 16.65
C VAL C 91 18.30 24.97 16.72
N ASP C 92 18.59 25.97 17.56
CA ASP C 92 19.94 26.55 17.74
C ASP C 92 20.49 27.22 16.45
N GLY C 93 19.70 28.14 15.90
CA GLY C 93 20.10 28.94 14.73
C GLY C 93 20.66 28.15 13.57
N GLN C 94 20.12 26.94 13.40
CA GLN C 94 20.68 25.92 12.53
C GLN C 94 19.64 25.63 11.44
N PRO C 95 19.98 25.88 10.16
CA PRO C 95 18.98 25.57 9.11
C PRO C 95 18.77 24.07 8.91
N ILE C 96 17.61 23.72 8.35
CA ILE C 96 17.30 22.33 8.00
C ILE C 96 17.91 22.09 6.62
N PHE C 97 18.58 20.97 6.43
CA PHE C 97 19.15 20.62 5.11
C PHE C 97 18.16 19.81 4.28
N ALA C 98 17.89 20.29 3.06
CA ALA C 98 17.16 19.53 2.04
C ALA C 98 18.16 18.99 1.02
N ASN C 99 18.65 17.79 1.26
CA ASN C 99 19.67 17.17 0.41
C ASN C 99 19.04 16.51 -0.80
N ILE C 100 19.17 17.16 -1.96
CA ILE C 100 18.53 16.69 -3.20
C ILE C 100 19.47 15.76 -3.99
N THR C 101 19.02 14.54 -4.29
CA THR C 101 19.84 13.53 -4.96
C THR C 101 19.08 12.82 -6.08
N LEU C 102 19.82 12.15 -6.97
CA LEU C 102 19.23 11.20 -7.92
C LEU C 102 18.75 9.98 -7.13
N PRO C 103 17.66 9.34 -7.59
CA PRO C 103 17.30 8.01 -7.11
C PRO C 103 18.05 6.96 -7.92
N VAL C 104 17.99 5.71 -7.45
CA VAL C 104 18.50 4.59 -8.21
C VAL C 104 17.39 4.22 -9.19
N TYR C 105 17.42 4.85 -10.36
CA TYR C 105 16.50 4.53 -11.45
C TYR C 105 16.66 3.09 -11.87
N THR C 106 15.58 2.50 -12.38
CA THR C 106 15.65 1.19 -13.04
C THR C 106 16.46 1.37 -14.32
N LEU C 107 17.15 0.32 -14.74
CA LEU C 107 17.85 0.34 -16.01
C LEU C 107 16.91 0.73 -17.17
N LYS C 108 15.69 0.20 -17.15
CA LYS C 108 14.69 0.50 -18.17
C LYS C 108 14.38 2.00 -18.20
N GLU C 109 14.03 2.55 -17.04
CA GLU C 109 13.66 3.98 -16.94
C GLU C 109 14.84 4.88 -17.31
N ARG C 110 16.03 4.48 -16.91
CA ARG C 110 17.23 5.21 -17.26
C ARG C 110 17.51 5.17 -18.77
N CYS C 111 17.30 4.02 -19.40
CA CYS C 111 17.40 3.92 -20.86
C CYS C 111 16.39 4.81 -21.59
N LEU C 112 15.17 4.85 -21.07
CA LEU C 112 14.12 5.73 -21.62
C LEU C 112 14.52 7.20 -21.59
N GLN C 113 15.06 7.66 -20.46
CA GLN C 113 15.59 9.03 -20.34
C GLN C 113 16.58 9.37 -21.46
N VAL C 114 17.52 8.46 -21.69
CA VAL C 114 18.58 8.65 -22.69
C VAL C 114 18.02 8.65 -24.13
N VAL C 115 17.02 7.80 -24.39
CA VAL C 115 16.37 7.79 -25.70
C VAL C 115 15.57 9.08 -25.92
N ARG C 116 14.86 9.55 -24.89
CA ARG C 116 14.09 10.79 -25.00
C ARG C 116 14.99 12.00 -25.34
N SER C 117 16.17 12.07 -24.72
CA SER C 117 17.09 13.19 -24.93
C SER C 117 17.68 13.28 -26.35
N LEU C 118 17.70 12.16 -27.08
CA LEU C 118 18.26 12.09 -28.44
C LEU C 118 17.24 12.11 -29.58
N VAL C 119 16.04 11.57 -29.33
CA VAL C 119 14.99 11.47 -30.35
C VAL C 119 13.83 12.39 -29.99
N LYS C 120 13.37 13.15 -30.97
CA LYS C 120 12.23 14.07 -30.79
C LYS C 120 10.93 13.27 -30.70
N PRO C 121 9.92 13.77 -29.94
CA PRO C 121 8.63 13.07 -29.83
C PRO C 121 7.95 12.72 -31.16
N GLU C 122 8.09 13.60 -32.16
CA GLU C 122 7.66 13.34 -33.55
C GLU C 122 8.21 12.01 -34.10
N ASN C 123 9.46 11.70 -33.78
CA ASN C 123 10.18 10.55 -34.33
C ASN C 123 10.09 9.21 -33.56
N TYR C 124 9.47 9.18 -32.38
CA TYR C 124 9.38 7.94 -31.58
C TYR C 124 8.81 6.75 -32.37
N ARG C 125 7.79 7.00 -33.19
CA ARG C 125 7.19 5.97 -34.05
C ARG C 125 8.11 5.38 -35.11
N ARG C 126 9.18 6.10 -35.47
CA ARG C 126 10.13 5.64 -36.49
C ARG C 126 11.20 4.68 -35.92
N LEU C 127 11.28 4.58 -34.59
CA LEU C 127 12.21 3.65 -33.93
C LEU C 127 11.74 2.20 -34.08
N ASP C 128 12.71 1.29 -34.24
CA ASP C 128 12.42 -0.13 -34.50
C ASP C 128 12.31 -0.91 -33.17
N ILE C 129 11.14 -0.81 -32.54
CA ILE C 129 10.87 -1.40 -31.22
C ILE C 129 9.41 -1.84 -31.13
N VAL C 130 9.09 -2.65 -30.12
CA VAL C 130 7.70 -3.06 -29.85
C VAL C 130 6.84 -1.89 -29.37
N ARG C 131 5.54 -1.95 -29.63
CA ARG C 131 4.61 -0.86 -29.27
C ARG C 131 4.56 -0.56 -27.76
N SER C 132 4.86 -1.57 -26.95
CA SER C 132 4.98 -1.40 -25.51
C SER C 132 5.95 -0.26 -25.16
N LEU C 133 7.08 -0.23 -25.86
CA LEU C 133 8.11 0.80 -25.64
C LEU C 133 7.75 2.17 -26.22
N TYR C 134 6.99 2.22 -27.31
CA TYR C 134 6.48 3.49 -27.83
C TYR C 134 5.67 4.22 -26.78
N GLU C 135 4.73 3.51 -26.16
CA GLU C 135 3.89 4.05 -25.09
C GLU C 135 4.72 4.47 -23.87
N ASP C 136 5.74 3.66 -23.52
CA ASP C 136 6.62 3.97 -22.40
C ASP C 136 7.38 5.28 -22.64
N LEU C 137 7.92 5.44 -23.85
CA LEU C 137 8.60 6.68 -24.26
C LEU C 137 7.69 7.90 -24.19
N GLU C 138 6.50 7.79 -24.75
CA GLU C 138 5.52 8.89 -24.78
C GLU C 138 5.08 9.35 -23.39
N ASP C 139 4.94 8.40 -22.47
CA ASP C 139 4.53 8.68 -21.09
C ASP C 139 5.63 9.42 -20.31
N HIS C 140 5.75 10.71 -20.59
CA HIS C 140 6.78 11.57 -19.98
C HIS C 140 6.59 11.69 -18.47
N PRO C 141 7.68 11.91 -17.72
CA PRO C 141 7.52 12.27 -16.31
C PRO C 141 6.76 13.59 -16.15
N ASN C 142 5.94 13.67 -15.11
CA ASN C 142 4.91 14.70 -14.97
C ASN C 142 4.57 14.86 -13.49
N VAL C 143 4.58 16.09 -13.00
CA VAL C 143 4.29 16.36 -11.58
C VAL C 143 2.83 16.05 -11.25
N GLN C 144 1.90 16.42 -12.14
CA GLN C 144 0.46 16.18 -11.93
C GLN C 144 0.12 14.68 -11.79
N LYS C 145 0.73 13.85 -12.63
CA LYS C 145 0.58 12.39 -12.56
C LYS C 145 1.06 11.80 -11.22
N ASP C 146 2.26 12.22 -10.79
CA ASP C 146 2.83 11.75 -9.52
C ASP C 146 1.98 12.11 -8.29
N LEU C 147 1.33 13.27 -8.34
CA LEU C 147 0.45 13.72 -7.25
C LEU C 147 -0.81 12.87 -7.11
N GLU C 148 -1.40 12.49 -8.25
CA GLU C 148 -2.59 11.63 -8.25
C GLU C 148 -2.32 10.20 -7.72
N ARG C 149 -1.09 9.73 -7.87
CA ARG C 149 -0.66 8.45 -7.31
C ARG C 149 -0.69 8.45 -5.78
N LEU C 150 -0.09 9.48 -5.18
CA LEU C 150 -0.07 9.66 -3.72
C LEU C 150 -1.47 9.61 -3.08
N THR C 151 -2.48 10.06 -3.83
CA THR C 151 -3.89 9.85 -3.47
C THR C 151 -4.30 8.41 -3.75
N MET D 1 -33.67 13.71 8.13
CA MET D 1 -33.14 12.54 8.90
C MET D 1 -33.80 11.25 8.41
N ASP D 2 -32.99 10.22 8.15
CA ASP D 2 -33.48 8.97 7.57
C ASP D 2 -34.05 8.03 8.62
N VAL D 3 -34.99 7.18 8.19
CA VAL D 3 -35.60 6.15 9.04
C VAL D 3 -35.63 4.82 8.30
N PHE D 4 -35.37 3.73 9.00
CA PHE D 4 -35.22 2.40 8.41
C PHE D 4 -36.27 1.47 8.95
N LEU D 5 -37.08 0.92 8.05
CA LEU D 5 -38.23 0.11 8.42
C LEU D 5 -38.11 -1.28 7.83
N MET D 6 -38.89 -2.22 8.39
CA MET D 6 -39.23 -3.47 7.72
C MET D 6 -40.75 -3.63 7.69
N ILE D 7 -41.32 -3.64 6.49
CA ILE D 7 -42.78 -3.65 6.29
C ILE D 7 -43.22 -5.09 6.09
N ARG D 8 -44.24 -5.52 6.83
CA ARG D 8 -44.55 -6.95 6.97
C ARG D 8 -46.01 -7.36 6.73
N ARG D 9 -46.19 -8.54 6.14
CA ARG D 9 -47.50 -9.16 5.92
C ARG D 9 -47.33 -10.67 5.75
N HIS D 10 -47.97 -11.46 6.62
CA HIS D 10 -47.82 -12.93 6.67
C HIS D 10 -46.34 -13.36 6.78
N LYS D 11 -45.75 -13.95 5.72
CA LYS D 11 -44.34 -14.33 5.70
C LYS D 11 -43.55 -13.48 4.69
N THR D 12 -43.91 -12.19 4.62
CA THR D 12 -43.27 -11.24 3.70
C THR D 12 -42.68 -10.10 4.52
N THR D 13 -41.43 -9.74 4.24
CA THR D 13 -40.73 -8.65 4.91
C THR D 13 -39.97 -7.83 3.87
N ILE D 14 -40.07 -6.50 3.95
CA ILE D 14 -39.42 -5.61 2.99
C ILE D 14 -38.61 -4.54 3.74
N PHE D 15 -37.28 -4.64 3.63
CA PHE D 15 -36.37 -3.66 4.24
C PHE D 15 -36.25 -2.45 3.32
N THR D 16 -36.30 -1.26 3.92
CA THR D 16 -36.21 -0.01 3.16
C THR D 16 -36.01 1.18 4.09
N ASP D 17 -35.69 2.33 3.48
CA ASP D 17 -35.56 3.59 4.20
C ASP D 17 -36.43 4.70 3.59
N ALA D 18 -36.65 5.75 4.40
CA ALA D 18 -37.36 6.95 3.96
C ALA D 18 -36.92 8.13 4.83
N LYS D 19 -37.42 9.32 4.51
CA LYS D 19 -37.18 10.51 5.34
C LYS D 19 -38.19 10.58 6.48
N GLU D 20 -37.79 11.23 7.58
CA GLU D 20 -38.65 11.41 8.74
C GLU D 20 -39.85 12.33 8.46
N SER D 21 -39.66 13.29 7.55
CA SER D 21 -40.72 14.20 7.10
C SER D 21 -41.59 13.67 5.95
N SER D 22 -41.21 12.52 5.36
CA SER D 22 -41.98 11.92 4.26
C SER D 22 -43.32 11.33 4.74
N THR D 23 -44.25 11.12 3.80
CA THR D 23 -45.62 10.74 4.12
C THR D 23 -45.88 9.24 4.02
N VAL D 24 -47.01 8.82 4.57
CA VAL D 24 -47.47 7.44 4.50
C VAL D 24 -47.88 7.08 3.07
N PHE D 25 -48.45 8.05 2.34
CA PHE D 25 -48.77 7.86 0.93
C PHE D 25 -47.51 7.63 0.07
N GLU D 26 -46.46 8.40 0.35
CA GLU D 26 -45.17 8.23 -0.33
C GLU D 26 -44.47 6.91 0.05
N LEU D 27 -44.79 6.39 1.24
CA LEU D 27 -44.36 5.04 1.64
C LEU D 27 -45.18 3.93 0.93
N LYS D 28 -46.46 4.17 0.72
CA LYS D 28 -47.30 3.25 -0.07
C LYS D 28 -46.86 3.16 -1.54
N ARG D 29 -46.33 4.25 -2.09
CA ARG D 29 -45.76 4.23 -3.45
C ARG D 29 -44.49 3.37 -3.54
N ILE D 30 -43.70 3.35 -2.47
CA ILE D 30 -42.52 2.47 -2.38
C ILE D 30 -42.95 1.00 -2.33
N VAL D 31 -43.94 0.70 -1.50
CA VAL D 31 -44.51 -0.66 -1.40
C VAL D 31 -45.15 -1.07 -2.73
N GLU D 32 -45.83 -0.13 -3.38
CA GLU D 32 -46.49 -0.35 -4.67
C GLU D 32 -45.52 -0.73 -5.78
N GLY D 33 -44.38 -0.05 -5.86
CA GLY D 33 -43.32 -0.38 -6.82
C GLY D 33 -42.74 -1.78 -6.66
N ILE D 34 -42.68 -2.27 -5.42
CA ILE D 34 -42.08 -3.58 -5.11
C ILE D 34 -43.11 -4.72 -5.24
N LEU D 35 -44.23 -4.61 -4.52
CA LEU D 35 -45.23 -5.67 -4.46
C LEU D 35 -46.29 -5.65 -5.57
N LYS D 36 -46.35 -4.57 -6.35
CA LYS D 36 -47.31 -4.40 -7.46
C LYS D 36 -48.77 -4.41 -6.99
N ARG D 37 -49.06 -3.56 -6.00
CA ARG D 37 -50.42 -3.31 -5.52
C ARG D 37 -50.60 -1.80 -5.36
N PRO D 38 -51.72 -1.23 -5.88
CA PRO D 38 -51.93 0.22 -5.73
C PRO D 38 -52.30 0.60 -4.29
N PRO D 39 -52.00 1.85 -3.86
CA PRO D 39 -52.44 2.35 -2.54
C PRO D 39 -53.93 2.21 -2.24
N ASP D 40 -54.77 2.16 -3.29
CA ASP D 40 -56.19 1.79 -3.19
C ASP D 40 -56.43 0.50 -2.41
N GLU D 41 -55.59 -0.50 -2.66
CA GLU D 41 -55.67 -1.82 -2.02
C GLU D 41 -54.56 -2.00 -0.98
N GLN D 42 -54.38 -0.99 -0.12
CA GLN D 42 -53.36 -1.02 0.94
C GLN D 42 -53.89 -0.36 2.22
N ARG D 43 -53.42 -0.86 3.36
CA ARG D 43 -53.90 -0.42 4.69
C ARG D 43 -52.75 -0.63 5.69
N LEU D 44 -51.96 0.42 5.92
CA LEU D 44 -50.74 0.32 6.72
C LEU D 44 -50.99 0.53 8.22
N TYR D 45 -50.47 -0.38 9.03
CA TYR D 45 -50.69 -0.42 10.48
C TYR D 45 -49.42 -0.09 11.28
N LYS D 46 -49.60 0.09 12.58
CA LYS D 46 -48.51 0.34 13.52
C LYS D 46 -48.93 -0.23 14.86
N ASP D 47 -48.71 -1.54 15.03
CA ASP D 47 -49.39 -2.38 16.03
C ASP D 47 -50.88 -2.46 15.60
N ASP D 48 -51.84 -2.40 16.54
CA ASP D 48 -53.26 -2.36 16.17
C ASP D 48 -53.72 -1.01 15.57
N GLN D 49 -52.91 0.03 15.69
CA GLN D 49 -53.22 1.37 15.17
C GLN D 49 -53.12 1.44 13.64
N LEU D 50 -54.09 2.10 12.99
CA LEU D 50 -54.10 2.31 11.54
C LEU D 50 -53.52 3.68 11.22
N LEU D 51 -52.81 3.77 10.10
CA LEU D 51 -52.09 4.99 9.70
C LEU D 51 -52.87 5.79 8.67
N ASP D 52 -52.80 7.12 8.77
CA ASP D 52 -53.45 8.03 7.83
C ASP D 52 -52.47 8.45 6.72
N ASP D 53 -53.00 8.64 5.51
CA ASP D 53 -52.18 8.86 4.30
C ASP D 53 -51.41 10.18 4.31
N GLY D 54 -52.09 11.26 4.67
CA GLY D 54 -51.49 12.60 4.72
C GLY D 54 -50.44 12.81 5.80
N LYS D 55 -50.48 11.99 6.86
CA LYS D 55 -49.57 12.14 8.00
C LYS D 55 -48.14 11.76 7.65
N THR D 56 -47.18 12.37 8.35
CA THR D 56 -45.76 12.06 8.17
C THR D 56 -45.34 10.92 9.10
N LEU D 57 -44.19 10.32 8.80
CA LEU D 57 -43.67 9.20 9.59
C LEU D 57 -43.14 9.66 10.96
N GLY D 58 -42.62 10.88 11.03
CA GLY D 58 -42.27 11.52 12.30
C GLY D 58 -43.45 11.68 13.25
N GLU D 59 -44.60 12.10 12.72
CA GLU D 59 -45.84 12.21 13.50
C GLU D 59 -46.28 10.88 14.11
N CAS D 60 -46.21 9.81 13.32
CA CAS D 60 -46.65 8.47 13.76
CB CAS D 60 -47.16 7.66 12.57
C CAS D 60 -45.58 7.70 14.51
O CAS D 60 -45.70 6.47 14.65
SG CAS D 60 -48.53 8.48 11.81
AS CAS D 60 -50.15 8.43 13.37
CE1 CAS D 60 -51.57 9.75 12.89
CE2 CAS D 60 -50.97 6.62 13.50
N GLY D 61 -44.55 8.38 14.99
CA GLY D 61 -43.58 7.78 15.91
C GLY D 61 -42.53 6.90 15.25
N PHE D 62 -42.09 7.30 14.06
CA PHE D 62 -40.94 6.69 13.38
C PHE D 62 -39.82 7.74 13.29
N THR D 63 -38.99 7.80 14.32
CA THR D 63 -37.88 8.76 14.38
C THR D 63 -36.55 8.11 13.97
N SER D 64 -35.60 8.94 13.57
CA SER D 64 -34.30 8.49 13.09
C SER D 64 -33.45 7.79 14.16
N GLN D 65 -33.77 8.00 15.44
CA GLN D 65 -33.11 7.31 16.55
C GLN D 65 -33.93 6.15 17.13
N THR D 66 -34.84 5.58 16.33
CA THR D 66 -35.63 4.40 16.73
C THR D 66 -35.72 3.40 15.58
N ALA D 67 -36.20 3.88 14.44
CA ALA D 67 -36.14 3.15 13.18
C ALA D 67 -34.70 3.20 12.63
N ARG D 68 -33.84 2.33 13.18
CA ARG D 68 -32.38 2.35 12.90
C ARG D 68 -31.96 1.24 11.91
N PRO D 69 -30.77 1.37 11.29
CA PRO D 69 -30.31 0.32 10.36
C PRO D 69 -30.11 -1.05 11.02
N GLN D 70 -29.37 -1.09 12.13
CA GLN D 70 -29.16 -2.31 12.90
C GLN D 70 -30.39 -2.83 13.66
N ALA D 71 -31.38 -1.95 13.91
CA ALA D 71 -32.61 -2.30 14.63
C ALA D 71 -33.79 -1.48 14.09
N PRO D 72 -34.40 -1.91 12.96
CA PRO D 72 -35.47 -1.15 12.31
C PRO D 72 -36.87 -1.33 12.93
N ALA D 73 -37.81 -0.51 12.46
CA ALA D 73 -39.18 -0.47 12.98
C ALA D 73 -40.14 -1.30 12.11
N THR D 74 -41.13 -1.91 12.76
CA THR D 74 -42.11 -2.79 12.11
C THR D 74 -43.35 -2.00 11.67
N VAL D 75 -43.67 -2.08 10.38
CA VAL D 75 -44.89 -1.49 9.81
C VAL D 75 -45.75 -2.63 9.27
N GLY D 76 -46.95 -2.79 9.84
CA GLY D 76 -47.91 -3.81 9.38
C GLY D 76 -48.55 -3.43 8.06
N LEU D 77 -48.84 -4.44 7.24
CA LEU D 77 -49.48 -4.25 5.93
C LEU D 77 -50.64 -5.23 5.78
N ALA D 78 -51.68 -4.80 5.07
CA ALA D 78 -52.85 -5.64 4.78
C ALA D 78 -53.44 -5.24 3.42
N PHE D 79 -53.55 -6.21 2.51
CA PHE D 79 -54.10 -5.96 1.17
C PHE D 79 -55.61 -6.12 1.14
N ARG D 80 -56.24 -5.49 0.15
CA ARG D 80 -57.66 -5.68 -0.13
C ARG D 80 -57.85 -6.96 -0.95
N ALA D 81 -58.86 -7.75 -0.58
CA ALA D 81 -59.21 -8.97 -1.30
C ALA D 81 -60.58 -8.81 -1.95
N ASP D 82 -60.59 -8.46 -3.23
CA ASP D 82 -61.81 -8.34 -4.06
C ASP D 82 -62.78 -7.24 -3.61
N ASP D 83 -63.45 -7.43 -2.47
CA ASP D 83 -64.38 -6.45 -1.91
C ASP D 83 -63.76 -5.71 -0.71
N THR D 84 -63.43 -6.46 0.34
CA THR D 84 -63.00 -5.88 1.62
C THR D 84 -61.61 -6.35 2.05
N PHE D 85 -61.05 -5.63 3.03
CA PHE D 85 -59.71 -5.91 3.55
C PHE D 85 -59.70 -7.09 4.53
N GLU D 86 -58.53 -7.70 4.70
CA GLU D 86 -58.34 -8.80 5.65
C GLU D 86 -57.83 -8.24 6.98
N ALA D 87 -58.08 -8.99 8.06
CA ALA D 87 -57.60 -8.62 9.39
C ALA D 87 -56.08 -8.76 9.43
N LEU D 88 -55.43 -7.88 10.19
CA LEU D 88 -53.96 -7.83 10.27
C LEU D 88 -53.39 -9.15 10.79
N CAS D 89 -52.43 -9.71 10.05
CA CAS D 89 -51.74 -10.94 10.44
CB CAS D 89 -52.47 -12.16 9.88
C CAS D 89 -50.32 -10.86 9.94
O CAS D 89 -50.09 -10.68 8.75
SG CAS D 89 -51.51 -13.64 9.92
AS CAS D 89 -51.12 -13.91 12.10
CE1 CAS D 89 -52.85 -13.92 13.08
CE2 CAS D 89 -50.16 -15.64 12.41
N ILE D 90 -49.37 -10.97 10.87
CA ILE D 90 -47.94 -11.05 10.55
C ILE D 90 -47.39 -12.29 11.25
N GLU D 91 -46.79 -13.20 10.48
CA GLU D 91 -46.25 -14.44 11.05
C GLU D 91 -44.97 -14.11 11.82
N PRO D 92 -44.86 -14.55 13.10
CA PRO D 92 -43.61 -14.32 13.84
C PRO D 92 -42.48 -15.20 13.34
N PHE D 93 -41.24 -14.76 13.55
CA PHE D 93 -40.06 -15.55 13.18
C PHE D 93 -39.89 -16.75 14.11
N SER D 94 -39.02 -17.68 13.72
CA SER D 94 -38.70 -18.84 14.57
C SER D 94 -38.03 -18.39 15.86
N SER D 95 -38.29 -19.13 16.95
CA SER D 95 -37.61 -18.86 18.21
C SER D 95 -36.20 -19.45 18.14
N PRO D 96 -35.23 -18.79 18.79
CA PRO D 96 -33.94 -19.43 18.94
C PRO D 96 -33.99 -20.54 19.99
N PRO D 97 -33.00 -21.45 20.01
CA PRO D 97 -32.95 -22.47 21.04
C PRO D 97 -32.52 -21.89 22.39
N GLU D 98 -32.62 -22.69 23.44
CA GLU D 98 -32.10 -22.31 24.76
C GLU D 98 -30.58 -22.23 24.71
N LEU D 99 -30.01 -21.40 25.57
CA LEU D 99 -28.57 -21.21 25.63
C LEU D 99 -27.88 -22.50 26.06
N PRO D 100 -26.77 -22.88 25.39
CA PRO D 100 -25.96 -23.99 25.89
C PRO D 100 -25.44 -23.75 27.32
N ASP D 101 -25.08 -24.85 28.00
CA ASP D 101 -24.66 -24.79 29.41
C ASP D 101 -23.57 -23.75 29.69
N VAL D 102 -22.64 -23.60 28.74
CA VAL D 102 -21.53 -22.63 28.86
C VAL D 102 -21.97 -21.16 28.76
N MET D 103 -23.00 -20.88 27.96
CA MET D 103 -23.50 -19.51 27.76
C MET D 103 -24.69 -19.23 28.67
N MET E 2 -33.75 -1.90 -8.28
CA MET E 2 -33.51 -3.37 -8.27
C MET E 2 -33.51 -3.94 -6.85
N TYR E 3 -34.30 -5.00 -6.66
CA TYR E 3 -34.43 -5.69 -5.38
C TYR E 3 -34.17 -7.18 -5.57
N VAL E 4 -33.95 -7.89 -4.47
CA VAL E 4 -33.79 -9.35 -4.48
C VAL E 4 -34.54 -9.96 -3.29
N LYS E 5 -35.00 -11.19 -3.49
CA LYS E 5 -35.74 -11.94 -2.48
C LYS E 5 -34.85 -13.03 -1.88
N LEU E 6 -34.76 -13.04 -0.55
CA LEU E 6 -34.03 -14.06 0.22
C LEU E 6 -35.02 -14.86 1.05
N ILE E 7 -34.89 -16.19 1.03
CA ILE E 7 -35.88 -17.07 1.67
C ILE E 7 -35.19 -17.95 2.72
N SER E 8 -35.70 -17.90 3.95
CA SER E 8 -35.17 -18.70 5.06
C SER E 8 -35.65 -20.16 5.01
N SER E 9 -35.13 -20.97 5.92
CA SER E 9 -35.52 -22.39 6.04
C SER E 9 -37.01 -22.55 6.33
N ASP E 10 -37.53 -21.74 7.25
CA ASP E 10 -38.95 -21.80 7.67
C ASP E 10 -39.91 -20.95 6.81
N GLY E 11 -39.44 -20.42 5.67
CA GLY E 11 -40.32 -19.88 4.63
C GLY E 11 -40.48 -18.38 4.49
N HIS E 12 -39.87 -17.60 5.39
CA HIS E 12 -39.97 -16.13 5.37
C HIS E 12 -39.20 -15.51 4.19
N GLU E 13 -39.90 -14.72 3.38
CA GLU E 13 -39.34 -14.07 2.18
C GLU E 13 -38.94 -12.61 2.49
N PHE E 14 -37.63 -12.37 2.58
CA PHE E 14 -37.09 -11.04 2.90
C PHE E 14 -36.65 -10.32 1.63
N ILE E 15 -37.16 -9.10 1.42
CA ILE E 15 -36.89 -8.33 0.20
C ILE E 15 -35.99 -7.13 0.51
N VAL E 16 -34.78 -7.13 -0.05
CA VAL E 16 -33.78 -6.08 0.18
C VAL E 16 -33.26 -5.52 -1.14
N LYS E 17 -32.64 -4.34 -1.06
CA LYS E 17 -32.01 -3.70 -2.22
C LYS E 17 -30.89 -4.57 -2.76
N ARG E 18 -30.63 -4.48 -4.07
CA ARG E 18 -29.64 -5.34 -4.73
C ARG E 18 -28.23 -5.15 -4.16
N GLU E 19 -27.80 -3.89 -4.06
CA GLU E 19 -26.45 -3.59 -3.55
C GLU E 19 -26.24 -3.97 -2.07
N HIS E 20 -27.31 -4.04 -1.29
CA HIS E 20 -27.24 -4.54 0.08
C HIS E 20 -26.89 -6.03 0.13
N ALA E 21 -27.49 -6.83 -0.76
CA ALA E 21 -27.26 -8.28 -0.82
C ALA E 21 -25.92 -8.65 -1.48
N LEU E 22 -25.44 -7.83 -2.42
CA LEU E 22 -24.13 -8.04 -3.06
C LEU E 22 -22.93 -7.83 -2.13
N THR E 23 -23.16 -7.27 -0.94
CA THR E 23 -22.19 -7.30 0.17
C THR E 23 -21.63 -8.71 0.39
N SER E 24 -22.51 -9.71 0.35
CA SER E 24 -22.13 -11.11 0.48
C SER E 24 -21.71 -11.71 -0.87
N GLY E 25 -20.43 -12.10 -0.98
CA GLY E 25 -19.91 -12.76 -2.18
C GLY E 25 -20.53 -14.12 -2.43
N THR E 26 -20.85 -14.84 -1.35
CA THR E 26 -21.60 -16.09 -1.44
C THR E 26 -22.98 -15.88 -2.08
N ILE E 27 -23.64 -14.77 -1.73
CA ILE E 27 -24.92 -14.42 -2.36
C ILE E 27 -24.71 -13.99 -3.82
N LYS E 28 -23.67 -13.19 -4.07
CA LYS E 28 -23.33 -12.76 -5.44
C LYS E 28 -23.12 -13.95 -6.38
N ALA E 29 -22.47 -15.01 -5.87
CA ALA E 29 -22.22 -16.24 -6.61
C ALA E 29 -23.50 -16.95 -7.02
N MET E 30 -24.46 -17.02 -6.10
CA MET E 30 -25.75 -17.66 -6.34
C MET E 30 -26.58 -16.92 -7.39
N LEU E 31 -26.56 -15.59 -7.33
CA LEU E 31 -27.24 -14.75 -8.34
C LEU E 31 -26.53 -14.78 -9.70
N SER E 32 -25.20 -14.72 -9.68
CA SER E 32 -24.38 -14.80 -10.89
C SER E 32 -24.09 -16.26 -11.26
N ASN E 43 -34.98 -14.12 -9.90
CA ASN E 43 -33.77 -13.87 -9.10
C ASN E 43 -34.04 -13.91 -7.59
N GLU E 44 -34.36 -15.11 -7.11
CA GLU E 44 -34.54 -15.43 -5.71
C GLU E 44 -33.38 -16.30 -5.26
N VAL E 45 -33.20 -16.42 -3.94
CA VAL E 45 -32.18 -17.30 -3.35
C VAL E 45 -32.74 -17.97 -2.10
N ASN E 46 -32.70 -19.30 -2.06
CA ASN E 46 -33.27 -20.08 -0.95
C ASN E 46 -32.17 -20.59 -0.01
N PHE E 47 -32.42 -20.49 1.30
CA PHE E 47 -31.50 -20.94 2.33
C PHE E 47 -32.13 -22.03 3.18
N ARG E 48 -31.69 -23.27 2.97
CA ARG E 48 -32.24 -24.43 3.66
C ARG E 48 -31.79 -24.53 5.12
N GLU E 49 -30.62 -23.98 5.43
CA GLU E 49 -30.03 -24.07 6.78
C GLU E 49 -30.34 -22.88 7.69
N ILE E 50 -30.57 -21.70 7.12
CA ILE E 50 -30.69 -20.46 7.91
C ILE E 50 -32.16 -20.17 8.27
N PRO E 51 -32.51 -20.21 9.57
CA PRO E 51 -33.89 -19.85 9.96
C PRO E 51 -34.17 -18.35 9.88
N SER E 52 -35.45 -17.99 9.91
CA SER E 52 -35.90 -16.60 9.74
C SER E 52 -35.34 -15.62 10.76
N HIS E 53 -35.20 -16.06 12.02
CA HIS E 53 -34.65 -15.20 13.08
C HIS E 53 -33.17 -14.85 12.88
N VAL E 54 -32.44 -15.73 12.20
CA VAL E 54 -31.06 -15.45 11.80
C VAL E 54 -31.04 -14.58 10.55
N LEU E 55 -31.69 -15.04 9.48
CA LEU E 55 -31.67 -14.33 8.18
C LEU E 55 -32.13 -12.87 8.24
N SER E 56 -33.06 -12.56 9.16
CA SER E 56 -33.51 -11.18 9.40
C SER E 56 -32.38 -10.31 9.98
N LYS E 57 -31.61 -10.86 10.91
CA LYS E 57 -30.43 -10.15 11.46
C LYS E 57 -29.33 -9.93 10.42
N VAL E 58 -29.16 -10.88 9.51
CA VAL E 58 -28.20 -10.74 8.41
C VAL E 58 -28.61 -9.57 7.50
N CYS E 59 -29.91 -9.46 7.20
CA CYS E 59 -30.43 -8.34 6.40
C CYS E 59 -30.23 -7.00 7.10
N MET E 60 -30.47 -6.96 8.41
CA MET E 60 -30.18 -5.76 9.22
C MET E 60 -28.72 -5.34 9.11
N TYR E 61 -27.81 -6.33 9.13
CA TYR E 61 -26.38 -6.04 8.99
C TYR E 61 -26.02 -5.45 7.63
N PHE E 62 -26.60 -5.98 6.56
CA PHE E 62 -26.40 -5.42 5.22
C PHE E 62 -26.77 -3.94 5.20
N THR E 63 -27.95 -3.62 5.73
CA THR E 63 -28.41 -2.24 5.87
C THR E 63 -27.44 -1.40 6.71
N TYR E 64 -27.02 -1.96 7.85
CA TYR E 64 -26.08 -1.32 8.77
C TYR E 64 -24.72 -1.04 8.12
N LYS E 65 -24.18 -2.05 7.44
CA LYS E 65 -22.89 -1.94 6.76
C LYS E 65 -22.90 -0.93 5.62
N VAL E 66 -23.94 -0.96 4.78
CA VAL E 66 -24.04 -0.02 3.65
C VAL E 66 -24.23 1.42 4.15
N ARG E 67 -24.94 1.58 5.26
CA ARG E 67 -25.15 2.91 5.86
C ARG E 67 -23.87 3.52 6.40
N TYR E 68 -23.19 2.78 7.28
CA TYR E 68 -22.11 3.34 8.11
C TYR E 68 -20.69 3.23 7.54
N THR E 69 -20.45 2.34 6.58
CA THR E 69 -19.12 2.19 5.96
C THR E 69 -18.72 3.50 5.28
N ASN E 70 -17.55 4.02 5.64
CA ASN E 70 -17.07 5.35 5.22
C ASN E 70 -18.04 6.47 5.61
N SER E 71 -17.86 6.98 6.82
CA SER E 71 -18.70 8.07 7.32
C SER E 71 -18.01 8.76 8.50
N SER E 72 -17.90 10.08 8.44
CA SER E 72 -17.29 10.87 9.51
C SER E 72 -18.16 10.97 10.77
N THR E 73 -19.43 10.57 10.67
CA THR E 73 -20.32 10.48 11.82
C THR E 73 -19.96 9.31 12.76
N GLU E 74 -20.48 9.37 13.97
CA GLU E 74 -20.26 8.36 15.01
C GLU E 74 -20.96 7.06 14.63
N ILE E 75 -20.35 5.92 14.96
CA ILE E 75 -20.85 4.59 14.56
C ILE E 75 -21.33 3.79 15.79
N PRO E 76 -22.61 3.36 15.80
CA PRO E 76 -23.12 2.56 16.92
C PRO E 76 -22.74 1.08 16.82
N GLU E 77 -22.84 0.36 17.93
CA GLU E 77 -22.52 -1.07 17.99
C GLU E 77 -23.63 -1.87 17.31
N PHE E 78 -23.24 -2.90 16.55
CA PHE E 78 -24.21 -3.84 15.98
C PHE E 78 -24.60 -4.86 17.07
N PRO E 79 -25.84 -4.79 17.59
CA PRO E 79 -26.19 -5.62 18.73
C PRO E 79 -26.49 -7.07 18.34
N ILE E 80 -25.97 -8.02 19.12
CA ILE E 80 -26.27 -9.45 18.95
C ILE E 80 -26.62 -10.05 20.30
N ALA E 81 -27.81 -10.64 20.40
CA ALA E 81 -28.27 -11.30 21.61
C ALA E 81 -27.55 -12.65 21.75
N PRO E 82 -27.29 -13.10 23.00
CA PRO E 82 -26.68 -14.41 23.27
C PRO E 82 -27.37 -15.61 22.57
N GLU E 83 -28.70 -15.58 22.49
CA GLU E 83 -29.50 -16.69 21.97
C GLU E 83 -29.22 -16.99 20.51
N ILE E 84 -28.94 -15.94 19.73
CA ILE E 84 -28.73 -16.07 18.28
C ILE E 84 -27.26 -16.11 17.84
N ALA E 85 -26.33 -16.07 18.80
CA ALA E 85 -24.90 -15.84 18.50
C ALA E 85 -24.22 -16.96 17.73
N LEU E 86 -24.34 -18.19 18.23
CA LEU E 86 -23.80 -19.38 17.54
C LEU E 86 -24.29 -19.51 16.10
N GLU E 87 -25.61 -19.45 15.93
CA GLU E 87 -26.23 -19.63 14.61
C GLU E 87 -25.81 -18.54 13.62
N LEU E 88 -25.72 -17.29 14.11
CA LEU E 88 -25.32 -16.14 13.30
C LEU E 88 -23.84 -16.17 12.89
N LEU E 89 -22.99 -16.72 13.76
CA LEU E 89 -21.58 -16.93 13.43
C LEU E 89 -21.45 -17.90 12.26
N MET E 90 -22.23 -18.98 12.28
CA MET E 90 -22.22 -19.98 11.22
C MET E 90 -22.76 -19.41 9.92
N ALA E 91 -23.82 -18.60 10.01
CA ALA E 91 -24.36 -17.87 8.85
C ALA E 91 -23.32 -16.95 8.21
N ALA E 92 -22.68 -16.11 9.03
CA ALA E 92 -21.64 -15.18 8.57
C ALA E 92 -20.43 -15.89 7.96
N ASN E 93 -20.01 -17.00 8.58
CA ASN E 93 -18.93 -17.83 8.06
C ASN E 93 -19.24 -18.43 6.69
N PHE E 94 -20.49 -18.84 6.49
CA PHE E 94 -20.97 -19.33 5.19
C PHE E 94 -21.08 -18.21 4.15
N LEU E 95 -21.69 -17.09 4.54
CA LEU E 95 -22.00 -15.99 3.63
C LEU E 95 -20.81 -15.09 3.28
N ASP E 96 -19.78 -15.10 4.14
CA ASP E 96 -18.58 -14.27 4.00
C ASP E 96 -18.93 -12.78 4.01
N CYS E 97 -19.15 -12.25 5.21
CA CYS E 97 -19.52 -10.84 5.37
C CYS E 97 -19.30 -10.33 6.78
N VAL F 11 10.87 -0.06 11.76
CA VAL F 11 9.68 -0.48 10.95
C VAL F 11 8.49 0.43 11.25
N LEU F 12 7.95 0.35 12.47
CA LEU F 12 6.94 1.29 12.95
C LEU F 12 7.39 1.83 14.31
N ARG F 13 8.00 3.00 14.29
CA ARG F 13 8.51 3.65 15.50
C ARG F 13 8.32 5.16 15.42
N SER F 14 8.18 5.80 16.57
CA SER F 14 8.01 7.26 16.64
C SER F 14 9.27 7.97 16.18
N VAL F 15 9.10 8.99 15.34
CA VAL F 15 10.20 9.85 14.89
C VAL F 15 10.51 10.82 16.04
N ASN F 16 11.77 10.82 16.49
CA ASN F 16 12.20 11.63 17.63
C ASN F 16 12.38 13.11 17.24
N SER F 17 11.25 13.81 17.08
CA SER F 17 11.23 15.17 16.55
C SER F 17 11.47 16.25 17.60
N ARG F 18 10.98 16.03 18.82
CA ARG F 18 11.00 17.04 19.91
C ARG F 18 10.27 18.34 19.53
N GLU F 19 9.21 18.19 18.72
CA GLU F 19 8.34 19.29 18.30
C GLU F 19 7.00 19.07 18.99
N PRO F 20 6.73 19.79 20.09
CA PRO F 20 5.46 19.61 20.80
C PRO F 20 4.22 19.76 19.93
N SER F 21 3.19 18.97 20.21
CA SER F 21 1.92 19.01 19.49
C SER F 21 0.79 18.61 20.43
N GLN F 22 -0.09 19.56 20.74
CA GLN F 22 -1.24 19.30 21.64
C GLN F 22 -2.35 18.57 20.90
N VAL F 23 -2.91 17.53 21.53
CA VAL F 23 -3.87 16.63 20.88
C VAL F 23 -5.09 16.44 21.78
N ILE F 24 -6.27 16.33 21.14
CA ILE F 24 -7.51 15.97 21.83
C ILE F 24 -7.89 14.53 21.46
N PHE F 25 -7.64 13.62 22.38
CA PHE F 25 -8.16 12.26 22.30
C PHE F 25 -9.64 12.36 22.66
N CAS F 26 -10.51 12.04 21.70
CA CAS F 26 -11.96 12.10 21.88
CB CAS F 26 -12.50 13.16 20.91
C CAS F 26 -12.52 10.74 21.59
O CAS F 26 -12.42 10.25 20.47
SG CAS F 26 -14.26 13.32 20.99
AS CAS F 26 -14.53 14.21 23.01
CE1 CAS F 26 -15.91 13.16 24.00
CE2 CAS F 26 -15.13 16.11 22.87
N ASN F 27 -13.11 10.11 22.61
CA ASN F 27 -13.68 8.77 22.51
C ASN F 27 -15.12 8.81 22.01
N ARG F 28 -15.29 8.69 20.70
CA ARG F 28 -16.61 8.69 20.07
C ARG F 28 -17.10 7.23 19.90
N SER F 29 -17.02 6.42 20.97
CA SER F 29 -17.38 5.00 20.91
C SER F 29 -17.97 4.51 22.24
N PRO F 30 -18.67 3.35 22.23
CA PRO F 30 -19.18 2.76 23.46
C PRO F 30 -18.18 1.87 24.22
N ARG F 31 -16.95 1.74 23.71
CA ARG F 31 -15.90 0.96 24.39
C ARG F 31 -15.09 1.85 25.33
N VAL F 32 -14.50 1.22 26.35
CA VAL F 32 -13.42 1.84 27.12
C VAL F 32 -12.16 1.71 26.25
N VAL F 33 -11.51 2.85 25.96
CA VAL F 33 -10.41 2.90 24.99
C VAL F 33 -9.03 2.91 25.67
N LEU F 34 -8.10 2.16 25.09
CA LEU F 34 -6.70 2.10 25.52
C LEU F 34 -5.83 2.75 24.44
N PRO F 35 -5.29 3.96 24.71
CA PRO F 35 -4.29 4.54 23.82
C PRO F 35 -2.96 3.79 23.91
N VAL F 36 -2.34 3.53 22.77
CA VAL F 36 -1.09 2.79 22.68
C VAL F 36 -0.09 3.59 21.84
N TRP F 37 0.95 4.11 22.49
CA TRP F 37 2.04 4.85 21.81
C TRP F 37 3.11 3.87 21.37
N LEU F 38 3.62 4.03 20.16
CA LEU F 38 4.76 3.23 19.71
C LEU F 38 6.04 4.02 19.99
N ASN F 39 6.86 3.51 20.93
CA ASN F 39 8.06 4.22 21.37
C ASN F 39 9.19 4.18 20.32
N PHE F 40 10.37 4.70 20.68
CA PHE F 40 11.47 4.88 19.72
C PHE F 40 12.13 3.56 19.27
N ASP F 41 11.94 2.49 20.05
CA ASP F 41 12.31 1.12 19.63
C ASP F 41 11.17 0.34 18.95
N GLY F 42 10.05 1.00 18.66
CA GLY F 42 8.88 0.35 18.07
C GLY F 42 8.05 -0.52 19.02
N GLU F 43 8.27 -0.41 20.32
CA GLU F 43 7.52 -1.17 21.32
C GLU F 43 6.28 -0.39 21.74
N PRO F 44 5.11 -1.06 21.81
CA PRO F 44 3.87 -0.38 22.20
C PRO F 44 3.76 -0.14 23.70
N GLN F 45 3.63 1.13 24.08
CA GLN F 45 3.44 1.53 25.48
C GLN F 45 1.98 1.86 25.70
N PRO F 46 1.31 1.17 26.64
CA PRO F 46 -0.06 1.53 26.97
C PRO F 46 -0.13 2.77 27.88
N TYR F 47 -1.23 3.52 27.75
CA TYR F 47 -1.49 4.76 28.49
C TYR F 47 -2.80 4.66 29.25
N PRO F 48 -3.10 5.64 30.17
CA PRO F 48 -4.37 5.57 30.91
C PRO F 48 -5.60 5.48 29.98
N THR F 49 -6.61 4.76 30.45
CA THR F 49 -7.81 4.50 29.66
C THR F 49 -8.76 5.69 29.62
N LEU F 50 -9.62 5.69 28.61
CA LEU F 50 -10.67 6.68 28.43
C LEU F 50 -12.02 5.98 28.49
N PRO F 51 -12.91 6.37 29.42
CA PRO F 51 -14.28 5.83 29.37
C PRO F 51 -15.03 6.28 28.09
N PRO F 52 -16.16 5.61 27.77
CA PRO F 52 -16.89 5.97 26.55
C PRO F 52 -17.50 7.38 26.63
N GLY F 53 -17.37 8.14 25.56
CA GLY F 53 -17.90 9.51 25.48
C GLY F 53 -17.18 10.50 26.38
N THR F 54 -15.86 10.34 26.52
CA THR F 54 -15.01 11.27 27.27
C THR F 54 -13.79 11.62 26.46
N GLY F 55 -13.21 12.80 26.76
CA GLY F 55 -12.04 13.29 26.04
C GLY F 55 -11.07 13.97 26.98
N ARG F 56 -9.78 13.88 26.64
CA ARG F 56 -8.70 14.49 27.41
C ARG F 56 -7.80 15.29 26.45
N ARG F 57 -7.37 16.48 26.87
CA ARG F 57 -6.32 17.21 26.17
C ARG F 57 -4.97 16.67 26.64
N ILE F 58 -4.09 16.35 25.68
CA ILE F 58 -2.80 15.71 25.98
C ILE F 58 -1.64 16.27 25.13
N HIS F 59 -0.43 16.16 25.67
CA HIS F 59 0.79 16.63 25.02
C HIS F 59 1.54 15.47 24.38
N SER F 60 1.64 15.52 23.05
CA SER F 60 2.43 14.57 22.25
C SER F 60 3.46 15.37 21.44
N TYR F 61 4.07 14.71 20.45
CA TYR F 61 5.04 15.36 19.55
C TYR F 61 4.78 14.96 18.10
N ARG F 62 5.31 15.74 17.17
CA ARG F 62 5.15 15.43 15.75
C ARG F 62 5.90 14.16 15.37
N GLY F 63 5.30 13.38 14.47
CA GLY F 63 5.89 12.13 14.02
C GLY F 63 5.87 10.99 15.04
N HIS F 64 5.02 11.09 16.06
CA HIS F 64 4.81 10.01 17.03
C HIS F 64 3.64 9.15 16.57
N LEU F 65 3.78 7.83 16.69
CA LEU F 65 2.77 6.89 16.22
C LEU F 65 1.89 6.41 17.38
N TRP F 66 0.58 6.48 17.16
CA TRP F 66 -0.43 6.07 18.14
C TRP F 66 -1.46 5.15 17.46
N LEU F 67 -1.95 4.17 18.22
CA LEU F 67 -3.16 3.42 17.84
C LEU F 67 -4.04 3.17 19.07
N PHE F 68 -5.27 2.70 18.85
CA PHE F 68 -6.30 2.67 19.89
C PHE F 68 -7.08 1.36 19.87
N ARG F 69 -7.31 0.79 21.06
CA ARG F 69 -7.91 -0.54 21.24
C ARG F 69 -8.93 -0.54 22.38
N ASP F 70 -9.76 -1.59 22.39
CA ASP F 70 -10.65 -1.89 23.52
C ASP F 70 -9.78 -2.34 24.70
N ALA F 71 -9.93 -1.69 25.85
CA ALA F 71 -9.07 -1.95 27.01
C ALA F 71 -9.25 -3.33 27.67
N GLY F 72 -10.39 -3.98 27.44
CA GLY F 72 -10.69 -5.31 28.00
C GLY F 72 -10.43 -6.47 27.06
N THR F 73 -10.72 -6.29 25.77
CA THR F 73 -10.60 -7.35 24.75
C THR F 73 -9.55 -7.12 23.68
N HIS F 74 -8.96 -5.92 23.61
CA HIS F 74 -8.02 -5.53 22.56
C HIS F 74 -8.59 -5.53 21.12
N ASP F 75 -9.92 -5.46 21.00
CA ASP F 75 -10.57 -5.22 19.71
C ASP F 75 -10.01 -3.91 19.13
N GLY F 76 -9.70 -3.93 17.84
CA GLY F 76 -9.07 -2.77 17.19
C GLY F 76 -10.08 -1.69 16.83
N LEU F 77 -9.73 -0.46 17.15
CA LEU F 77 -10.55 0.73 16.88
C LEU F 77 -9.89 1.63 15.84
N LEU F 78 -10.65 2.57 15.29
CA LEU F 78 -10.13 3.53 14.32
C LEU F 78 -9.87 4.86 14.98
N VAL F 79 -9.04 5.67 14.33
CA VAL F 79 -8.78 7.05 14.73
C VAL F 79 -8.72 7.89 13.44
N ASN F 80 -9.59 8.90 13.36
CA ASN F 80 -9.78 9.70 12.14
C ASN F 80 -9.87 8.84 10.88
N GLN F 81 -10.75 7.83 10.94
CA GLN F 81 -11.07 6.92 9.82
C GLN F 81 -9.95 5.93 9.41
N THR F 82 -8.89 5.80 10.20
CA THR F 82 -7.74 4.92 9.89
C THR F 82 -7.19 4.25 11.15
N GLU F 83 -6.22 3.35 10.94
CA GLU F 83 -5.56 2.59 12.03
C GLU F 83 -4.63 3.47 12.86
N LEU F 84 -3.65 4.08 12.19
CA LEU F 84 -2.59 4.85 12.83
C LEU F 84 -2.93 6.33 12.89
N PHE F 85 -2.38 7.00 13.90
CA PHE F 85 -2.52 8.45 14.09
C PHE F 85 -1.16 9.09 14.38
N VAL F 86 -0.84 10.13 13.60
CA VAL F 86 0.41 10.88 13.74
C VAL F 86 0.09 12.38 13.93
N PRO F 87 0.38 12.94 15.12
CA PRO F 87 0.13 14.37 15.35
C PRO F 87 0.85 15.28 14.35
N SER F 88 0.10 16.18 13.74
CA SER F 88 0.64 17.18 12.82
C SER F 88 0.99 18.48 13.58
N LEU F 89 1.32 19.54 12.85
CA LEU F 89 1.53 20.87 13.42
C LEU F 89 0.21 21.50 13.94
N ASN F 90 0.30 22.28 15.03
CA ASN F 90 -0.84 23.09 15.54
C ASN F 90 -0.93 24.46 14.87
N VAL F 91 -1.75 24.58 13.82
CA VAL F 91 -1.93 25.84 13.11
C VAL F 91 -2.76 26.81 13.96
N ASP F 92 -2.28 28.04 14.11
CA ASP F 92 -2.92 29.08 14.96
C ASP F 92 -3.17 28.65 16.42
N GLY F 93 -2.34 27.75 16.95
CA GLY F 93 -2.45 27.27 18.33
C GLY F 93 -3.65 26.43 18.71
N GLN F 94 -4.43 25.93 17.74
CA GLN F 94 -5.60 25.08 18.02
C GLN F 94 -5.22 23.60 17.94
N PRO F 95 -5.63 22.78 18.95
CA PRO F 95 -5.17 21.39 19.04
C PRO F 95 -5.72 20.48 17.95
N ILE F 96 -5.05 19.35 17.75
CA ILE F 96 -5.43 18.38 16.73
C ILE F 96 -6.40 17.38 17.36
N PHE F 97 -7.57 17.21 16.75
CA PHE F 97 -8.53 16.21 17.19
C PHE F 97 -8.17 14.80 16.70
N ALA F 98 -8.14 13.86 17.65
CA ALA F 98 -8.06 12.44 17.36
C ALA F 98 -9.41 11.82 17.70
N ASN F 99 -10.22 11.60 16.67
CA ASN F 99 -11.58 11.06 16.83
C ASN F 99 -11.61 9.53 16.76
N ILE F 100 -11.77 8.91 17.93
CA ILE F 100 -11.74 7.45 18.09
C ILE F 100 -13.16 6.91 17.95
N THR F 101 -13.34 6.01 16.97
CA THR F 101 -14.67 5.42 16.67
C THR F 101 -14.57 3.92 16.50
N LEU F 102 -15.72 3.25 16.50
CA LEU F 102 -15.80 1.86 16.06
C LEU F 102 -15.61 1.79 14.55
N PRO F 103 -14.94 0.74 14.06
CA PRO F 103 -15.07 0.42 12.65
C PRO F 103 -16.35 -0.35 12.39
N VAL F 104 -16.79 -0.36 11.14
CA VAL F 104 -17.79 -1.32 10.69
C VAL F 104 -17.05 -2.66 10.61
N TYR F 105 -17.07 -3.40 11.73
CA TYR F 105 -16.55 -4.77 11.78
C TYR F 105 -17.36 -5.65 10.83
N THR F 106 -16.75 -6.75 10.37
CA THR F 106 -17.48 -7.78 9.66
C THR F 106 -18.48 -8.42 10.62
N LEU F 107 -19.57 -8.94 10.07
CA LEU F 107 -20.53 -9.74 10.84
C LEU F 107 -19.84 -10.91 11.52
N LYS F 108 -18.93 -11.57 10.81
CA LYS F 108 -18.15 -12.68 11.36
C LYS F 108 -17.36 -12.25 12.59
N GLU F 109 -16.53 -11.21 12.44
CA GLU F 109 -15.68 -10.76 13.56
C GLU F 109 -16.50 -10.27 14.75
N ARG F 110 -17.63 -9.62 14.48
CA ARG F 110 -18.55 -9.23 15.56
C ARG F 110 -19.09 -10.45 16.28
N CYS F 111 -19.52 -11.47 15.53
CA CYS F 111 -20.02 -12.71 16.13
C CYS F 111 -18.97 -13.36 17.04
N LEU F 112 -17.71 -13.32 16.61
CA LEU F 112 -16.59 -13.81 17.41
C LEU F 112 -16.43 -13.02 18.71
N GLN F 113 -16.48 -11.69 18.63
CA GLN F 113 -16.41 -10.82 19.81
C GLN F 113 -17.41 -11.20 20.89
N VAL F 114 -18.67 -11.38 20.46
CA VAL F 114 -19.78 -11.67 21.38
C VAL F 114 -19.68 -13.08 21.96
N VAL F 115 -19.23 -14.04 21.15
CA VAL F 115 -18.99 -15.40 21.62
C VAL F 115 -17.79 -15.42 22.59
N ARG F 116 -16.71 -14.72 22.24
CA ARG F 116 -15.54 -14.59 23.12
C ARG F 116 -15.88 -14.03 24.50
N SER F 117 -16.82 -13.06 24.54
CA SER F 117 -17.22 -12.42 25.80
C SER F 117 -18.05 -13.34 26.70
N LEU F 118 -18.97 -14.12 26.11
CA LEU F 118 -19.83 -15.02 26.88
C LEU F 118 -19.11 -16.29 27.34
N VAL F 119 -18.47 -16.98 26.40
CA VAL F 119 -17.79 -18.26 26.66
C VAL F 119 -16.35 -17.99 27.08
N LYS F 120 -15.80 -18.87 27.93
CA LYS F 120 -14.43 -18.77 28.41
C LYS F 120 -13.49 -19.70 27.59
N PRO F 121 -12.22 -19.28 27.36
CA PRO F 121 -11.28 -19.95 26.45
C PRO F 121 -11.26 -21.49 26.46
N GLU F 122 -11.25 -22.08 27.65
CA GLU F 122 -11.23 -23.55 27.80
C GLU F 122 -12.48 -24.25 27.23
N ASN F 123 -13.62 -23.55 27.26
CA ASN F 123 -14.89 -24.08 26.74
C ASN F 123 -15.15 -23.83 25.24
N TYR F 124 -14.19 -23.24 24.53
CA TYR F 124 -14.29 -23.01 23.08
C TYR F 124 -14.38 -24.33 22.29
N ARG F 125 -13.64 -25.35 22.74
CA ARG F 125 -13.66 -26.68 22.12
C ARG F 125 -15.02 -27.39 22.20
N ARG F 126 -15.78 -27.11 23.27
CA ARG F 126 -17.08 -27.76 23.51
C ARG F 126 -18.21 -27.27 22.59
N LEU F 127 -18.01 -26.13 21.91
CA LEU F 127 -19.03 -25.57 21.01
C LEU F 127 -19.20 -26.44 19.77
N ASP F 128 -20.45 -26.63 19.35
CA ASP F 128 -20.77 -27.49 18.21
C ASP F 128 -20.52 -26.75 16.88
N ILE F 129 -19.24 -26.63 16.53
CA ILE F 129 -18.81 -25.94 15.32
C ILE F 129 -17.55 -26.58 14.73
N VAL F 130 -17.25 -26.21 13.48
CA VAL F 130 -16.09 -26.76 12.75
C VAL F 130 -14.75 -26.30 13.34
N ARG F 131 -13.67 -26.93 12.89
CA ARG F 131 -12.33 -26.64 13.40
C ARG F 131 -11.84 -25.26 12.98
N SER F 132 -12.25 -24.81 11.79
CA SER F 132 -11.95 -23.45 11.31
C SER F 132 -12.38 -22.37 12.31
N LEU F 133 -13.60 -22.48 12.82
CA LEU F 133 -14.16 -21.48 13.74
C LEU F 133 -13.60 -21.55 15.18
N TYR F 134 -13.09 -22.72 15.59
CA TYR F 134 -12.35 -22.83 16.86
C TYR F 134 -11.09 -21.97 16.79
N GLU F 135 -10.33 -22.15 15.72
CA GLU F 135 -9.10 -21.38 15.48
C GLU F 135 -9.35 -19.88 15.29
N ASP F 136 -10.49 -19.53 14.70
CA ASP F 136 -10.91 -18.12 14.61
C ASP F 136 -11.17 -17.52 16.00
N LEU F 137 -11.81 -18.29 16.89
CA LEU F 137 -12.11 -17.84 18.25
C LEU F 137 -10.88 -17.63 19.14
N GLU F 138 -9.98 -18.62 19.12
CA GLU F 138 -8.73 -18.54 19.91
C GLU F 138 -7.77 -17.46 19.40
N ASP F 139 -7.82 -17.15 18.10
CA ASP F 139 -6.99 -16.09 17.51
C ASP F 139 -7.45 -14.70 17.97
N HIS F 140 -7.12 -14.36 19.21
CA HIS F 140 -7.53 -13.08 19.83
C HIS F 140 -6.95 -11.88 19.08
N PRO F 141 -7.71 -10.77 19.04
CA PRO F 141 -7.14 -9.49 18.63
C PRO F 141 -5.90 -9.15 19.46
N ASN F 142 -4.88 -8.61 18.79
CA ASN F 142 -3.54 -8.51 19.37
C ASN F 142 -2.77 -7.37 18.69
N VAL F 143 -2.22 -6.48 19.51
CA VAL F 143 -1.49 -5.30 19.02
C VAL F 143 -0.27 -5.74 18.21
N GLN F 144 0.53 -6.62 18.81
CA GLN F 144 1.76 -7.13 18.19
C GLN F 144 1.48 -7.79 16.83
N LYS F 145 0.44 -8.60 16.77
CA LYS F 145 -0.01 -9.23 15.52
C LYS F 145 -0.26 -8.18 14.44
N ASP F 146 -1.04 -7.16 14.76
CA ASP F 146 -1.38 -6.10 13.79
C ASP F 146 -0.18 -5.22 13.40
N LEU F 147 0.75 -5.01 14.33
CA LEU F 147 2.00 -4.27 14.04
C LEU F 147 2.81 -4.91 12.92
N GLU F 148 2.91 -6.24 12.95
CA GLU F 148 3.66 -7.01 11.95
C GLU F 148 3.05 -6.90 10.55
N ARG F 149 1.72 -6.95 10.47
CA ARG F 149 1.00 -6.99 9.18
C ARG F 149 1.14 -5.71 8.36
N LEU F 150 1.30 -4.57 9.05
CA LEU F 150 1.51 -3.29 8.37
C LEU F 150 2.92 -3.22 7.76
N THR F 151 3.01 -3.58 6.48
CA THR F 151 4.28 -3.60 5.73
C THR F 151 4.66 -2.18 5.28
CAA DV2 G . 2.32 33.54 3.62
CAT DV2 G . 3.07 32.47 2.84
OAD DV2 G . 3.39 31.41 3.39
N DV2 G . 3.34 32.78 1.55
CA DV2 G . 4.06 31.86 0.65
CB DV2 G . 3.70 32.18 -0.80
C DV2 G . 5.58 32.01 0.83
O DV2 G . 6.04 33.08 1.24
NBD DV2 G . 6.37 30.96 0.48
CAO DV2 G . 5.97 29.61 -0.02
CBA DV2 G . 7.14 28.70 0.28
OAF DV2 G . 7.02 28.15 1.60
CAN DV2 G . 8.35 29.57 0.21
CBC DV2 G . 7.88 30.99 0.60
CAV DV2 G . 8.55 31.88 -0.28
SAG DV2 G . 7.73 32.41 -1.66
NAQ DV2 G . 9.83 32.18 0.01
CAM DV2 G . 10.67 33.03 -0.84
CAX DV2 G . 11.55 32.22 -1.60
CAI DV2 G . 12.04 32.74 -2.81
CAK DV2 G . 12.91 32.01 -3.61
CAH DV2 G . 11.95 30.92 -1.24
CAJ DV2 G . 12.83 30.19 -2.05
CAY DV2 G . 13.32 30.72 -3.25
CAZ DV2 G . 14.16 29.99 -4.01
SAS DV2 G . 13.90 28.42 -4.47
CAL DV2 G . 15.28 28.25 -5.35
NAP DV2 G . 15.94 29.41 -5.28
CAW DV2 G . 15.33 30.36 -4.56
CAB DV2 G . 15.98 31.75 -4.41
CAA DV2 H . 11.12 12.93 25.04
CAT DV2 H . 9.82 12.25 24.63
OAD DV2 H . 9.32 12.44 23.52
N DV2 H . 9.29 11.44 25.57
CA DV2 H . 8.03 10.70 25.36
CB DV2 H . 8.03 9.44 26.25
C DV2 H . 6.82 11.56 25.74
O DV2 H . 6.94 12.49 26.53
NBD DV2 H . 5.61 11.19 25.24
CAO DV2 H . 5.28 10.10 24.27
CBA DV2 H . 4.03 10.59 23.57
OAF DV2 H . 4.37 11.55 22.56
CAN DV2 H . 3.26 11.27 24.67
CBC DV2 H . 4.32 11.94 25.54
CAV DV2 H . 3.85 11.93 26.88
SAG DV2 H . 4.41 10.76 27.97
NAQ DV2 H . 2.89 12.82 27.16
CAM DV2 H . 2.23 12.99 28.45
CAX DV2 H . 0.97 12.33 28.45
CAI DV2 H . 0.49 11.74 29.63
CAK DV2 H . -0.75 11.09 29.66
CAH DV2 H . 0.16 12.26 27.31
CAJ DV2 H . -1.08 11.61 27.35
CAY DV2 H . -1.56 11.03 28.52
CAZ DV2 H . -2.77 10.43 28.52
SAS DV2 H . -3.30 9.27 27.43
CAL DV2 H . -4.81 9.10 28.10
NAP DV2 H . -4.89 9.95 29.14
CAW DV2 H . -3.78 10.68 29.37
CAB DV2 H . -3.73 11.68 30.53
#